data_6E4T
#
_entry.id   6E4T
#
_cell.length_a   123.610
_cell.length_b   123.610
_cell.length_c   402.550
_cell.angle_alpha   90.000
_cell.angle_beta   90.000
_cell.angle_gamma   120.000
#
_symmetry.space_group_name_H-M   'P 61 2 2'
#
loop_
_entity.id
_entity.type
_entity.pdbx_description
1 polymer "5'-AMP-activated protein kinase catalytic subunit alpha-1"
2 polymer "5'-AMP-activated protein kinase subunit beta-1"
3 polymer "5'-AMP-activated protein kinase subunit gamma-1"
4 non-polymer '1-O-{6-chloro-5-[4-(1-hydroxycyclobutyl)phenyl]-1H-indole-3-carbonyl}-beta-D-glucopyranuronic acid'
5 non-polymer STAUROSPORINE
6 non-polymer 'CHLORIDE ION'
7 non-polymer 'ADENOSINE MONOPHOSPHATE'
8 non-polymer "ADENOSINE-5'-DIPHOSPHATE"
9 non-polymer 'SULFATE ION'
#
loop_
_entity_poly.entity_id
_entity_poly.type
_entity_poly.pdbx_seq_one_letter_code
_entity_poly.pdbx_strand_id
1 'polypeptide(L)'
;GATAEKQKHDGRVKIGHYILGDTLGVGTFGKVKVGKHELTGHKVAVKILNRQKIRSLDVVGKIRREIQNLKLFRHPHIIK
LYQVISTPSDIFMVMEYVSGGELFDYICKNGRLDEKESRRLFQQILSGVDYCHRHMVVHRDLKPENVLLDAHMNAKIADF
GLSNMMSDGEFLR(TPO)SCGSPNYAAPEVISGRLYAGPEVDIWSSGVILYALLCGTLPFDDDHVPTLFKKICDGIFYTP
QYLNPSVISLLKHMLQVDPMKRATIKDIREHEWFKQDLPKYLFPEDPSYSSTMIDDEALKEVCEKFECSEEEVLSCLYNR
NHQDPLAVAYHLIIDNRRIMNEAKDFYLATSPPDSFLDDHHLTRPHPERVPFLVAETPRARHTLDELNPQKSKHQGVRKA
KWHLGIRSQSRPNDIMAEVCRAIKQLDYEWKVVNPYYLRVRRKNPVTSTFSKMSLQLYQVDSRTYLLDFRSIDDEASGGP
GGSAPRPGSHTIEFFEMCANLIKILAQ
;
A
2 'polypeptide(L)'
;MEVNEKAPAQARPTVFRWTGGGKEVYLSGSFNNWSKLPLTR(SEP)QNNFVAILDLPEGEHQYKFFVDGQWTHDPSEPIV
TSQLGTVNNIIQVKKTDFEVFDALMVDSQKCSDVSELSSSPPGPYHQEPYISKPEERFKAPPILPPHLLQVILNKDTGIS
CDPALLPEPNHVMLNHLYALSIKDGVMVLSATHRYKKKYVTTLLYKPI
;
B
3 'polypeptide(L)'
;MESVAAESAPAPENEHSQETPESNSSVYTTFMKSHRCYDLIPTSSKLVVFDTSLQVKKAFFALVTNGVRAAPLWDSKKQS
FVGMLTITDFINILHRYYKSALVQIYELEEHKIETWREVYLQDSFKPLVCISPNASLFDAVSSLIRNKIHRLPVIDPESG
NTLYILTHKRILKFLKLFITEFPKPEFMSKSLEELQIGTYANIAMVRTTTPVYVALGIFVQHRVSALPVVDEKGRVVDIY
SKFDVINLAAEKTYNNLDVSVTKALQHRSHYFEGVLKCYLHETLEAIINRLVEAEVHRLVVVDEHDVVKGIVSLSDILQA
LVLTGGEKKP
;
C
#
# COMPACT_ATOMS: atom_id res chain seq x y z
N GLY A 11 -50.25 13.35 -10.80
CA GLY A 11 -49.57 14.26 -9.89
C GLY A 11 -48.62 13.59 -8.91
N ARG A 12 -47.76 12.68 -9.43
CA ARG A 12 -46.78 11.90 -8.66
C ARG A 12 -45.36 12.37 -9.01
N VAL A 13 -44.55 12.74 -7.99
CA VAL A 13 -43.18 13.22 -8.20
C VAL A 13 -42.27 12.01 -8.50
N LYS A 14 -41.73 11.92 -9.75
CA LYS A 14 -40.89 10.78 -10.15
C LYS A 14 -39.46 11.15 -10.53
N ILE A 15 -38.54 10.20 -10.28
CA ILE A 15 -37.11 10.21 -10.62
C ILE A 15 -36.78 8.74 -10.92
N GLY A 16 -36.26 8.52 -12.13
CA GLY A 16 -36.11 7.19 -12.71
C GLY A 16 -37.55 6.88 -13.04
N HIS A 17 -38.04 5.69 -12.69
CA HIS A 17 -39.49 5.50 -12.86
C HIS A 17 -40.14 5.32 -11.50
N TYR A 18 -39.36 5.60 -10.46
CA TYR A 18 -39.75 5.53 -9.08
C TYR A 18 -40.49 6.78 -8.67
N ILE A 19 -41.66 6.61 -8.04
CA ILE A 19 -42.41 7.72 -7.49
C ILE A 19 -41.79 7.99 -6.08
N LEU A 20 -41.30 9.22 -5.89
CA LEU A 20 -40.72 9.68 -4.63
C LEU A 20 -41.83 9.79 -3.62
N GLY A 21 -41.68 9.06 -2.55
CA GLY A 21 -42.64 9.02 -1.47
C GLY A 21 -42.09 9.76 -0.26
N ASP A 22 -42.23 9.10 0.91
CA ASP A 22 -41.88 9.59 2.24
C ASP A 22 -40.40 9.75 2.48
N THR A 23 -40.03 10.65 3.40
CA THR A 23 -38.65 10.91 3.78
C THR A 23 -38.24 9.97 4.90
N LEU A 24 -37.52 8.90 4.51
CA LEU A 24 -36.98 7.84 5.39
C LEU A 24 -36.15 8.41 6.54
N GLY A 25 -35.42 9.47 6.25
CA GLY A 25 -34.60 10.18 7.21
C GLY A 25 -33.78 11.26 6.55
N VAL A 26 -32.95 11.96 7.34
CA VAL A 26 -32.00 12.98 6.87
C VAL A 26 -30.60 12.52 7.23
N GLY A 27 -29.81 12.30 6.18
CA GLY A 27 -28.44 11.82 6.29
C GLY A 27 -27.43 12.92 6.46
N THR A 28 -26.15 12.56 6.19
CA THR A 28 -25.01 13.46 6.30
C THR A 28 -25.20 14.60 5.33
N PHE A 29 -25.29 14.30 4.02
CA PHE A 29 -25.44 15.40 3.10
C PHE A 29 -26.80 15.41 2.33
N GLY A 30 -27.93 15.21 3.02
CA GLY A 30 -29.23 15.32 2.36
C GLY A 30 -30.35 14.40 2.80
N LYS A 31 -31.62 14.75 2.42
CA LYS A 31 -32.84 13.98 2.70
C LYS A 31 -32.77 12.65 1.98
N VAL A 32 -33.34 11.60 2.61
CA VAL A 32 -33.41 10.26 2.00
C VAL A 32 -34.89 9.88 1.93
N LYS A 33 -35.40 9.70 0.69
CA LYS A 33 -36.81 9.41 0.46
C LYS A 33 -37.04 8.08 -0.23
N VAL A 34 -38.24 7.48 -0.02
CA VAL A 34 -38.60 6.21 -0.62
C VAL A 34 -38.99 6.47 -2.05
N GLY A 35 -38.79 5.46 -2.89
CA GLY A 35 -39.13 5.51 -4.31
C GLY A 35 -39.82 4.20 -4.66
N LYS A 36 -41.07 4.26 -5.11
CA LYS A 36 -41.80 3.06 -5.50
C LYS A 36 -41.94 3.04 -7.03
N HIS A 37 -41.39 2.00 -7.71
CA HIS A 37 -41.43 1.94 -9.16
C HIS A 37 -42.84 1.98 -9.70
N GLU A 38 -43.01 2.81 -10.75
CA GLU A 38 -44.22 3.06 -11.51
C GLU A 38 -44.99 1.78 -11.82
N LEU A 39 -44.28 0.78 -12.34
CA LEU A 39 -44.86 -0.48 -12.76
C LEU A 39 -44.62 -1.62 -11.78
N THR A 40 -43.37 -2.03 -11.57
CA THR A 40 -42.96 -3.16 -10.71
C THR A 40 -43.30 -3.00 -9.20
N GLY A 41 -43.32 -1.76 -8.72
CA GLY A 41 -43.60 -1.48 -7.33
C GLY A 41 -42.36 -1.60 -6.46
N HIS A 42 -41.23 -1.84 -7.09
CA HIS A 42 -39.95 -1.98 -6.42
C HIS A 42 -39.65 -0.74 -5.57
N LYS A 43 -39.13 -0.94 -4.35
CA LYS A 43 -38.77 0.22 -3.53
C LYS A 43 -37.24 0.47 -3.47
N VAL A 44 -36.88 1.77 -3.55
CA VAL A 44 -35.51 2.28 -3.47
C VAL A 44 -35.41 3.37 -2.42
N ALA A 45 -34.18 3.60 -1.97
CA ALA A 45 -33.79 4.64 -1.05
C ALA A 45 -33.15 5.72 -1.92
N VAL A 46 -33.67 6.97 -1.86
CA VAL A 46 -33.18 8.06 -2.70
C VAL A 46 -32.55 9.20 -1.90
N LYS A 47 -31.20 9.32 -1.93
CA LYS A 47 -30.50 10.45 -1.29
C LYS A 47 -30.53 11.63 -2.28
N ILE A 48 -31.06 12.80 -1.81
CA ILE A 48 -31.16 14.02 -2.62
C ILE A 48 -30.06 14.99 -2.20
N LEU A 49 -29.12 15.30 -3.11
CA LEU A 49 -28.03 16.23 -2.85
C LEU A 49 -28.20 17.46 -3.67
N ASN A 50 -28.63 18.59 -3.07
CA ASN A 50 -28.76 19.82 -3.83
C ASN A 50 -27.39 20.33 -4.15
N ARG A 51 -27.11 20.45 -5.45
CA ARG A 51 -25.86 20.93 -6.04
C ARG A 51 -25.36 22.23 -5.37
N GLN A 52 -26.26 23.26 -5.26
CA GLN A 52 -25.98 24.57 -4.61
C GLN A 52 -25.58 24.44 -3.12
N LYS A 53 -26.12 23.43 -2.40
CA LYS A 53 -25.81 23.20 -0.98
C LYS A 53 -24.53 22.39 -0.87
N ILE A 54 -24.38 21.32 -1.68
CA ILE A 54 -23.14 20.52 -1.65
C ILE A 54 -21.96 21.37 -2.15
N ARG A 55 -22.20 22.56 -2.73
CA ARG A 55 -21.09 23.42 -3.11
C ARG A 55 -20.85 24.47 -2.02
N SER A 56 -21.91 24.82 -1.22
CA SER A 56 -21.84 25.73 -0.05
C SER A 56 -20.87 25.15 0.97
N LEU A 57 -21.17 23.95 1.54
CA LEU A 57 -20.21 23.21 2.38
C LEU A 57 -19.28 22.72 1.28
N ASP A 58 -17.96 22.78 1.46
CA ASP A 58 -17.13 22.41 0.33
C ASP A 58 -16.91 20.90 0.23
N VAL A 59 -18.03 20.20 0.04
CA VAL A 59 -18.13 18.76 0.00
C VAL A 59 -18.29 18.20 -1.41
N VAL A 60 -18.24 19.07 -2.44
CA VAL A 60 -18.35 18.71 -3.87
C VAL A 60 -17.31 17.59 -4.28
N GLY A 61 -16.09 17.71 -3.78
CA GLY A 61 -15.06 16.72 -4.01
C GLY A 61 -15.36 15.44 -3.27
N LYS A 62 -15.77 15.57 -1.99
CA LYS A 62 -16.15 14.45 -1.13
C LYS A 62 -17.17 13.53 -1.84
N ILE A 63 -18.25 14.13 -2.35
CA ILE A 63 -19.34 13.42 -3.03
C ILE A 63 -18.84 12.74 -4.30
N ARG A 64 -18.02 13.45 -5.09
CA ARG A 64 -17.44 12.92 -6.31
C ARG A 64 -16.78 11.57 -5.99
N ARG A 65 -15.93 11.54 -4.93
CA ARG A 65 -15.21 10.35 -4.45
C ARG A 65 -16.19 9.28 -3.96
N GLU A 66 -17.10 9.66 -3.03
CA GLU A 66 -18.14 8.83 -2.41
C GLU A 66 -18.93 8.04 -3.45
N ILE A 67 -19.34 8.71 -4.54
CA ILE A 67 -20.09 8.08 -5.63
C ILE A 67 -19.18 7.06 -6.29
N GLN A 68 -18.00 7.53 -6.77
CA GLN A 68 -16.97 6.72 -7.43
C GLN A 68 -16.80 5.34 -6.77
N ASN A 69 -16.58 5.35 -5.43
CA ASN A 69 -16.38 4.16 -4.58
C ASN A 69 -17.60 3.30 -4.49
N LEU A 70 -18.70 3.86 -4.02
CA LEU A 70 -19.94 3.14 -3.79
C LEU A 70 -20.58 2.53 -5.06
N LYS A 71 -20.31 3.14 -6.23
CA LYS A 71 -20.83 2.66 -7.51
C LYS A 71 -20.14 1.36 -7.95
N LEU A 72 -18.93 1.07 -7.42
CA LEU A 72 -18.25 -0.19 -7.78
C LEU A 72 -18.23 -1.26 -6.63
N PHE A 73 -18.64 -0.88 -5.39
CA PHE A 73 -18.79 -1.76 -4.22
C PHE A 73 -20.00 -2.69 -4.43
N ARG A 74 -19.93 -3.93 -3.93
CA ARG A 74 -21.02 -4.90 -3.99
C ARG A 74 -20.86 -5.94 -2.87
N HIS A 75 -21.24 -5.57 -1.65
CA HIS A 75 -21.18 -6.45 -0.50
C HIS A 75 -22.63 -6.65 0.05
N PRO A 76 -22.99 -7.87 0.53
CA PRO A 76 -24.38 -8.10 1.00
C PRO A 76 -24.80 -7.34 2.26
N HIS A 77 -23.83 -6.79 3.02
CA HIS A 77 -24.09 -6.07 4.26
C HIS A 77 -23.73 -4.61 4.15
N ILE A 78 -23.68 -4.10 2.91
CA ILE A 78 -23.52 -2.68 2.58
C ILE A 78 -24.63 -2.36 1.58
N ILE A 79 -25.38 -1.27 1.85
CA ILE A 79 -26.47 -0.79 1.02
C ILE A 79 -25.96 -0.51 -0.42
N LYS A 80 -26.53 -1.19 -1.43
CA LYS A 80 -26.19 -1.07 -2.84
C LYS A 80 -26.57 0.31 -3.44
N LEU A 81 -25.66 0.90 -4.27
CA LEU A 81 -25.90 2.17 -4.97
C LEU A 81 -26.23 1.82 -6.40
N TYR A 82 -27.52 1.77 -6.67
CA TYR A 82 -28.05 1.38 -7.95
C TYR A 82 -27.61 2.33 -9.09
N GLN A 83 -27.92 3.63 -8.97
CA GLN A 83 -27.58 4.64 -9.98
C GLN A 83 -27.59 6.03 -9.37
N VAL A 84 -26.82 6.95 -9.95
CA VAL A 84 -26.82 8.35 -9.54
C VAL A 84 -27.38 9.13 -10.73
N ILE A 85 -28.50 9.83 -10.51
CA ILE A 85 -29.18 10.63 -11.54
C ILE A 85 -28.84 12.10 -11.30
N SER A 86 -28.28 12.78 -12.30
CA SER A 86 -28.02 14.19 -12.09
C SER A 86 -29.12 15.02 -12.73
N THR A 87 -29.47 16.19 -12.13
CA THR A 87 -30.43 17.16 -12.66
C THR A 87 -29.73 18.54 -12.56
N PRO A 88 -30.18 19.64 -13.25
CA PRO A 88 -29.43 20.91 -13.13
C PRO A 88 -29.39 21.45 -11.69
N SER A 89 -30.50 21.14 -10.97
CA SER A 89 -30.86 21.50 -9.61
C SER A 89 -30.16 20.68 -8.55
N ASP A 90 -30.38 19.34 -8.56
CA ASP A 90 -29.91 18.38 -7.55
C ASP A 90 -29.36 17.04 -8.13
N ILE A 91 -28.79 16.21 -7.24
CA ILE A 91 -28.20 14.92 -7.55
C ILE A 91 -28.94 13.85 -6.76
N PHE A 92 -29.42 12.82 -7.45
CA PHE A 92 -30.23 11.75 -6.88
C PHE A 92 -29.49 10.42 -6.79
N MET A 93 -29.27 9.92 -5.58
CA MET A 93 -28.58 8.64 -5.40
C MET A 93 -29.57 7.53 -5.13
N VAL A 94 -29.90 6.76 -6.18
CA VAL A 94 -30.83 5.65 -6.10
C VAL A 94 -30.12 4.47 -5.46
N MET A 95 -30.63 4.00 -4.32
CA MET A 95 -30.01 2.92 -3.52
C MET A 95 -30.97 1.85 -3.10
N GLU A 96 -30.47 0.72 -2.57
CA GLU A 96 -31.39 -0.33 -2.12
C GLU A 96 -32.17 0.03 -0.85
N TYR A 97 -33.48 -0.21 -0.85
CA TYR A 97 -34.33 0.01 0.32
C TYR A 97 -34.37 -1.27 1.18
N VAL A 98 -34.44 -1.12 2.52
CA VAL A 98 -34.57 -2.23 3.49
C VAL A 98 -35.70 -1.89 4.44
N SER A 99 -36.67 -2.78 4.57
CA SER A 99 -37.85 -2.58 5.40
C SER A 99 -37.57 -2.38 6.87
N GLY A 100 -36.68 -3.19 7.45
CA GLY A 100 -36.33 -3.21 8.86
C GLY A 100 -35.95 -1.92 9.55
N GLY A 101 -35.36 -1.00 8.81
CA GLY A 101 -34.94 0.29 9.33
C GLY A 101 -33.76 0.20 10.27
N GLU A 102 -33.62 1.21 11.15
CA GLU A 102 -32.51 1.29 12.09
C GLU A 102 -32.40 0.07 12.98
N LEU A 103 -31.15 -0.38 13.16
CA LEU A 103 -30.80 -1.48 14.06
C LEU A 103 -31.03 -0.92 15.46
N PHE A 104 -30.77 0.39 15.59
CA PHE A 104 -30.94 1.18 16.79
C PHE A 104 -32.32 0.96 17.31
N ASP A 105 -33.37 1.34 16.54
CA ASP A 105 -34.75 1.09 16.97
C ASP A 105 -34.97 -0.40 17.27
N TYR A 106 -34.44 -1.34 16.45
CA TYR A 106 -34.60 -2.75 16.82
C TYR A 106 -34.26 -2.97 18.32
N ILE A 107 -33.05 -2.55 18.70
CA ILE A 107 -32.51 -2.64 20.05
C ILE A 107 -33.36 -1.81 21.02
N CYS A 108 -33.93 -0.67 20.60
CA CYS A 108 -34.81 0.08 21.50
C CYS A 108 -36.04 -0.75 21.81
N LYS A 109 -36.73 -1.19 20.74
CA LYS A 109 -37.99 -1.91 20.71
C LYS A 109 -37.91 -3.20 21.46
N ASN A 110 -37.08 -4.10 20.95
CA ASN A 110 -36.79 -5.39 21.54
C ASN A 110 -35.66 -5.05 22.50
N GLY A 111 -35.20 -5.96 23.32
CA GLY A 111 -34.15 -5.57 24.25
C GLY A 111 -32.78 -5.65 23.62
N ARG A 112 -31.86 -6.32 24.33
CA ARG A 112 -30.55 -6.63 23.81
C ARG A 112 -30.77 -7.92 23.04
N LEU A 113 -29.83 -8.29 22.17
CA LEU A 113 -29.89 -9.51 21.37
C LEU A 113 -29.18 -10.63 22.14
N ASP A 114 -29.63 -11.86 21.88
CA ASP A 114 -29.05 -13.04 22.51
C ASP A 114 -27.65 -13.32 21.89
N GLU A 115 -26.70 -13.89 22.68
CA GLU A 115 -25.33 -14.17 22.23
C GLU A 115 -25.30 -14.59 20.78
N LYS A 116 -26.15 -15.59 20.41
CA LYS A 116 -26.28 -16.15 19.06
C LYS A 116 -26.71 -15.10 18.05
N GLU A 117 -27.85 -14.44 18.28
CA GLU A 117 -28.35 -13.39 17.38
C GLU A 117 -27.34 -12.20 17.19
N SER A 118 -26.74 -11.73 18.32
CA SER A 118 -25.77 -10.64 18.32
C SER A 118 -24.53 -11.04 17.53
N ARG A 119 -24.02 -12.25 17.76
CA ARG A 119 -22.85 -12.73 17.04
C ARG A 119 -23.05 -12.67 15.54
N ARG A 120 -24.24 -13.12 15.06
CA ARG A 120 -24.59 -13.13 13.63
C ARG A 120 -24.48 -11.75 13.07
N LEU A 121 -25.22 -10.81 13.66
CA LEU A 121 -25.23 -9.42 13.22
C LEU A 121 -23.88 -8.75 13.35
N PHE A 122 -23.08 -9.14 14.37
CA PHE A 122 -21.73 -8.58 14.49
C PHE A 122 -20.82 -9.06 13.34
N GLN A 123 -20.92 -10.36 13.00
CA GLN A 123 -20.16 -10.97 11.90
C GLN A 123 -20.53 -10.28 10.59
N GLN A 124 -21.85 -10.10 10.38
CA GLN A 124 -22.43 -9.45 9.20
C GLN A 124 -21.87 -8.05 9.05
N ILE A 125 -21.98 -7.23 10.13
CA ILE A 125 -21.45 -5.86 10.15
C ILE A 125 -19.96 -5.87 9.86
N LEU A 126 -19.20 -6.60 10.68
CA LEU A 126 -17.74 -6.63 10.53
C LEU A 126 -17.25 -7.00 9.11
N SER A 127 -17.92 -7.98 8.46
CA SER A 127 -17.61 -8.37 7.10
C SER A 127 -17.63 -7.15 6.19
N GLY A 128 -18.71 -6.37 6.27
CA GLY A 128 -18.88 -5.17 5.47
C GLY A 128 -17.79 -4.16 5.78
N VAL A 129 -17.52 -3.94 7.10
CA VAL A 129 -16.51 -3.00 7.59
C VAL A 129 -15.19 -3.39 6.98
N ASP A 130 -14.94 -4.68 6.95
CA ASP A 130 -13.76 -5.22 6.34
C ASP A 130 -13.76 -4.89 4.84
N TYR A 131 -14.82 -5.29 4.08
CA TYR A 131 -14.96 -4.99 2.64
C TYR A 131 -14.51 -3.57 2.35
N CYS A 132 -15.08 -2.57 3.06
CA CYS A 132 -14.76 -1.16 2.97
C CYS A 132 -13.27 -0.94 3.01
N HIS A 133 -12.62 -1.38 4.11
CA HIS A 133 -11.20 -1.23 4.36
C HIS A 133 -10.38 -1.89 3.28
N ARG A 134 -10.78 -3.13 2.87
CA ARG A 134 -10.16 -3.93 1.80
C ARG A 134 -10.28 -3.15 0.46
N HIS A 135 -11.00 -2.01 0.49
CA HIS A 135 -11.21 -1.14 -0.64
C HIS A 135 -10.75 0.28 -0.36
N MET A 136 -9.85 0.46 0.62
CA MET A 136 -9.27 1.76 1.02
C MET A 136 -10.31 2.81 1.44
N VAL A 137 -11.48 2.34 1.85
CA VAL A 137 -12.57 3.20 2.28
C VAL A 137 -12.75 2.94 3.77
N VAL A 138 -12.83 4.01 4.55
CA VAL A 138 -13.04 3.88 5.96
C VAL A 138 -14.24 4.75 6.36
N HIS A 139 -15.42 4.10 6.49
CA HIS A 139 -16.70 4.70 6.88
C HIS A 139 -16.52 5.13 8.34
N ARG A 140 -16.25 6.39 8.62
CA ARG A 140 -16.20 6.78 10.03
C ARG A 140 -17.67 7.04 10.36
N ASP A 141 -18.09 7.12 11.65
CA ASP A 141 -19.54 7.32 11.99
C ASP A 141 -20.34 6.01 11.78
N LEU A 142 -19.80 4.94 12.30
CA LEU A 142 -20.37 3.61 12.21
C LEU A 142 -21.21 3.40 13.49
N LYS A 143 -22.55 3.39 13.39
CA LYS A 143 -23.37 3.20 14.60
C LYS A 143 -24.65 2.38 14.37
N PRO A 144 -25.35 1.86 15.42
CA PRO A 144 -26.63 1.15 15.18
C PRO A 144 -27.62 1.99 14.35
N GLU A 145 -27.57 3.33 14.52
CA GLU A 145 -28.36 4.30 13.77
C GLU A 145 -28.05 4.23 12.25
N ASN A 146 -26.82 3.84 11.87
CA ASN A 146 -26.40 3.68 10.47
C ASN A 146 -26.33 2.22 10.05
N VAL A 147 -26.84 1.30 10.88
CA VAL A 147 -26.93 -0.12 10.52
C VAL A 147 -28.42 -0.42 10.30
N LEU A 148 -28.76 -0.74 9.05
CA LEU A 148 -30.14 -0.99 8.69
C LEU A 148 -30.41 -2.49 8.59
N LEU A 149 -31.68 -2.85 8.78
CA LEU A 149 -32.10 -4.25 8.74
C LEU A 149 -33.13 -4.46 7.68
N ASP A 150 -33.09 -5.65 7.04
CA ASP A 150 -34.06 -5.98 6.01
C ASP A 150 -35.07 -6.94 6.62
N ALA A 151 -36.04 -7.41 5.80
CA ALA A 151 -37.10 -8.31 6.24
C ALA A 151 -36.57 -9.63 6.82
N HIS A 152 -35.31 -10.01 6.50
CA HIS A 152 -34.72 -11.25 6.97
C HIS A 152 -33.65 -11.05 8.03
N MET A 153 -33.63 -9.83 8.62
CA MET A 153 -32.79 -9.46 9.72
C MET A 153 -31.26 -9.42 9.39
N ASN A 154 -30.92 -9.03 8.15
CA ASN A 154 -29.52 -8.89 7.74
C ASN A 154 -29.07 -7.45 7.83
N ALA A 155 -27.89 -7.26 8.43
CA ALA A 155 -27.27 -5.96 8.63
C ALA A 155 -26.95 -5.26 7.30
N LYS A 156 -27.04 -3.92 7.27
CA LYS A 156 -26.71 -3.12 6.08
C LYS A 156 -26.06 -1.78 6.48
N ILE A 157 -24.73 -1.62 6.22
CA ILE A 157 -23.96 -0.39 6.52
C ILE A 157 -24.48 0.75 5.60
N ALA A 158 -24.76 1.99 6.14
CA ALA A 158 -25.43 3.00 5.33
C ALA A 158 -24.85 4.45 5.13
N ASP A 159 -24.26 5.14 6.12
CA ASP A 159 -23.96 6.54 5.74
C ASP A 159 -22.49 6.86 5.40
N PHE A 160 -22.19 6.76 4.12
CA PHE A 160 -20.81 7.00 3.71
C PHE A 160 -20.52 8.50 3.46
N GLY A 161 -21.29 9.38 4.10
CA GLY A 161 -21.10 10.83 4.04
C GLY A 161 -19.90 11.25 4.83
N LEU A 162 -19.65 10.55 5.93
CA LEU A 162 -18.50 10.79 6.78
C LEU A 162 -17.29 9.90 6.44
N SER A 163 -17.47 8.96 5.50
CA SER A 163 -16.40 8.08 5.04
C SER A 163 -15.22 8.87 4.44
N ASN A 164 -14.06 8.20 4.31
CA ASN A 164 -12.88 8.77 3.69
C ASN A 164 -12.03 7.70 3.03
N MET A 165 -11.06 8.15 2.23
CA MET A 165 -10.15 7.29 1.50
C MET A 165 -8.87 7.05 2.29
N MET A 166 -8.20 5.95 2.00
CA MET A 166 -6.94 5.62 2.62
C MET A 166 -5.91 5.64 1.48
N SER A 167 -4.96 6.61 1.54
CA SER A 167 -3.88 6.79 0.57
C SER A 167 -2.55 6.41 1.20
N ASP A 168 -1.74 5.62 0.47
CA ASP A 168 -0.45 5.14 0.96
C ASP A 168 0.47 6.26 1.53
N GLY A 169 0.68 6.22 2.83
CA GLY A 169 1.54 7.17 3.54
C GLY A 169 0.83 8.29 4.26
N GLU A 170 -0.50 8.33 4.24
CA GLU A 170 -1.23 9.40 4.94
C GLU A 170 -2.26 8.95 5.97
N PHE A 171 -2.42 9.82 6.98
CA PHE A 171 -3.33 9.70 8.10
C PHE A 171 -4.49 10.60 7.82
N LEU A 172 -5.61 10.38 8.51
CA LEU A 172 -6.80 11.21 8.38
C LEU A 172 -6.85 12.06 9.62
N ARG A 173 -7.52 13.24 9.55
CA ARG A 173 -7.61 14.13 10.70
C ARG A 173 -9.04 14.34 11.20
N SER A 175 -12.53 14.77 12.69
CA SER A 175 -13.06 14.12 13.88
C SER A 175 -14.54 13.84 13.70
N CYS A 176 -14.84 12.75 12.96
CA CYS A 176 -16.19 12.30 12.55
C CYS A 176 -16.95 11.44 13.52
N GLY A 177 -18.28 11.61 13.48
CA GLY A 177 -19.27 10.76 14.13
C GLY A 177 -19.67 11.01 15.56
N SER A 178 -20.73 10.30 15.98
CA SER A 178 -21.30 10.40 17.32
C SER A 178 -20.23 10.17 18.40
N PRO A 179 -20.13 11.09 19.38
CA PRO A 179 -19.14 10.94 20.46
C PRO A 179 -19.18 9.63 21.26
N ASN A 180 -20.25 8.84 21.20
CA ASN A 180 -20.33 7.59 21.99
C ASN A 180 -19.53 6.49 21.35
N TYR A 181 -19.50 6.53 20.00
CA TYR A 181 -18.85 5.59 19.10
C TYR A 181 -17.51 6.11 18.65
N ALA A 182 -17.23 7.38 18.97
CA ALA A 182 -15.98 7.99 18.57
C ALA A 182 -14.82 7.41 19.34
N ALA A 183 -13.78 6.96 18.59
CA ALA A 183 -12.51 6.40 19.07
C ALA A 183 -11.82 7.43 20.00
N PRO A 184 -11.05 7.03 21.06
CA PRO A 184 -10.43 8.04 21.93
C PRO A 184 -9.58 9.03 21.13
N GLU A 185 -8.71 8.55 20.20
CA GLU A 185 -7.91 9.40 19.32
C GLU A 185 -8.75 10.38 18.47
N VAL A 186 -10.01 10.00 18.11
CA VAL A 186 -10.93 10.84 17.34
C VAL A 186 -11.48 11.93 18.25
N ILE A 187 -11.96 11.56 19.46
CA ILE A 187 -12.41 12.58 20.41
C ILE A 187 -11.21 13.46 20.80
N SER A 188 -10.02 12.86 20.98
CA SER A 188 -8.75 13.55 21.25
C SER A 188 -8.31 14.47 20.09
N GLY A 189 -8.90 14.29 18.90
CA GLY A 189 -8.58 15.04 17.69
C GLY A 189 -7.15 14.85 17.22
N ARG A 190 -6.62 13.64 17.44
CA ARG A 190 -5.28 13.24 17.06
C ARG A 190 -5.36 12.62 15.64
N LEU A 191 -4.20 12.34 15.03
CA LEU A 191 -4.14 11.75 13.68
C LEU A 191 -4.37 10.25 13.72
N TYR A 192 -5.06 9.71 12.72
CA TYR A 192 -5.31 8.26 12.70
C TYR A 192 -5.19 7.67 11.31
N ALA A 193 -4.90 6.36 11.22
CA ALA A 193 -4.77 5.66 9.94
C ALA A 193 -6.12 5.49 9.24
N GLY A 194 -7.12 5.06 10.01
CA GLY A 194 -8.49 4.84 9.54
C GLY A 194 -9.21 3.61 10.11
N PRO A 195 -8.75 2.35 9.83
CA PRO A 195 -9.55 1.19 10.24
C PRO A 195 -9.71 1.02 11.73
N GLU A 196 -8.70 1.47 12.50
CA GLU A 196 -8.71 1.38 13.96
C GLU A 196 -9.90 2.10 14.55
N VAL A 197 -10.29 3.22 13.91
CA VAL A 197 -11.39 4.02 14.38
C VAL A 197 -12.70 3.33 13.99
N ASP A 198 -12.68 2.47 12.95
CA ASP A 198 -13.87 1.68 12.59
C ASP A 198 -14.04 0.48 13.49
N ILE A 199 -12.91 -0.05 13.98
CA ILE A 199 -12.90 -1.15 14.94
C ILE A 199 -13.50 -0.63 16.28
N TRP A 200 -12.97 0.50 16.81
CA TRP A 200 -13.47 1.10 18.07
C TRP A 200 -15.00 1.28 18.06
N SER A 201 -15.58 1.63 16.90
CA SER A 201 -17.02 1.83 16.72
C SER A 201 -17.74 0.49 16.73
N SER A 202 -17.18 -0.49 16.00
CA SER A 202 -17.74 -1.84 15.91
C SER A 202 -17.81 -2.53 17.27
N GLY A 203 -16.83 -2.24 18.13
CA GLY A 203 -16.78 -2.73 19.50
C GLY A 203 -17.92 -2.17 20.32
N VAL A 204 -18.24 -0.89 20.06
CA VAL A 204 -19.34 -0.17 20.71
C VAL A 204 -20.65 -0.77 20.23
N ILE A 205 -20.73 -1.06 18.90
CA ILE A 205 -21.88 -1.70 18.26
C ILE A 205 -22.11 -3.08 18.89
N LEU A 206 -21.04 -3.85 19.08
CA LEU A 206 -21.08 -5.18 19.69
C LEU A 206 -21.61 -5.13 21.11
N TYR A 207 -21.16 -4.14 21.91
CA TYR A 207 -21.62 -3.94 23.28
C TYR A 207 -23.14 -3.71 23.26
N ALA A 208 -23.59 -2.75 22.39
CA ALA A 208 -24.99 -2.40 22.17
C ALA A 208 -25.84 -3.61 21.78
N LEU A 209 -25.30 -4.50 20.95
CA LEU A 209 -26.06 -5.70 20.57
C LEU A 209 -26.25 -6.61 21.78
N LEU A 210 -25.15 -6.91 22.50
CA LEU A 210 -25.17 -7.83 23.63
C LEU A 210 -25.87 -7.33 24.88
N CYS A 211 -25.78 -6.01 25.16
CA CYS A 211 -26.31 -5.37 26.38
C CYS A 211 -27.53 -4.55 26.18
N GLY A 212 -27.69 -4.00 24.99
CA GLY A 212 -28.82 -3.13 24.68
C GLY A 212 -28.65 -1.70 25.15
N THR A 213 -27.42 -1.32 25.59
CA THR A 213 -27.02 0.00 26.10
C THR A 213 -25.63 0.37 25.56
N LEU A 214 -25.15 1.58 25.88
CA LEU A 214 -23.83 2.00 25.42
C LEU A 214 -22.76 1.76 26.44
N PRO A 215 -21.54 1.40 25.99
CA PRO A 215 -20.46 1.12 26.97
C PRO A 215 -19.93 2.39 27.62
N PHE A 216 -19.82 3.45 26.80
CA PHE A 216 -19.40 4.81 27.15
C PHE A 216 -20.59 5.66 26.85
N ASP A 217 -21.14 6.28 27.92
CA ASP A 217 -22.35 7.10 27.89
C ASP A 217 -22.54 7.78 29.23
N ASP A 218 -22.80 9.09 29.17
CA ASP A 218 -23.08 9.97 30.31
C ASP A 218 -23.71 11.23 29.77
N ASP A 219 -24.57 11.87 30.60
CA ASP A 219 -25.18 13.14 30.21
C ASP A 219 -24.12 14.23 30.28
N HIS A 220 -23.27 14.17 31.33
CA HIS A 220 -22.13 15.03 31.54
C HIS A 220 -21.10 14.66 30.48
N VAL A 221 -21.02 15.49 29.41
CA VAL A 221 -20.14 15.29 28.24
C VAL A 221 -18.66 15.16 28.65
N PRO A 222 -18.08 16.03 29.53
CA PRO A 222 -16.68 15.83 29.94
C PRO A 222 -16.40 14.45 30.53
N THR A 223 -17.30 13.91 31.39
CA THR A 223 -17.11 12.58 31.96
C THR A 223 -17.39 11.50 30.95
N LEU A 224 -18.19 11.80 29.87
CA LEU A 224 -18.41 10.82 28.79
C LEU A 224 -17.04 10.63 28.09
N PHE A 225 -16.33 11.74 27.84
CA PHE A 225 -15.02 11.76 27.22
C PHE A 225 -13.94 11.14 28.11
N LYS A 226 -13.97 11.44 29.44
CA LYS A 226 -13.02 10.87 30.40
C LYS A 226 -13.12 9.35 30.27
N LYS A 227 -14.34 8.80 30.43
CA LYS A 227 -14.64 7.39 30.31
C LYS A 227 -14.06 6.81 29.03
N ILE A 228 -14.29 7.45 27.85
CA ILE A 228 -13.79 6.99 26.56
C ILE A 228 -12.28 6.91 26.54
N CYS A 229 -11.60 7.96 27.01
CA CYS A 229 -10.15 7.96 27.02
C CYS A 229 -9.56 7.09 28.12
N ASP A 230 -10.40 6.73 29.11
CA ASP A 230 -10.07 5.83 30.21
C ASP A 230 -10.43 4.38 29.84
N GLY A 231 -11.04 4.22 28.66
CA GLY A 231 -11.50 2.97 28.05
C GLY A 231 -12.26 2.02 28.95
N ILE A 232 -12.77 2.58 30.03
CA ILE A 232 -13.43 1.85 31.08
C ILE A 232 -14.96 1.88 30.85
N PHE A 233 -15.53 0.65 30.84
CA PHE A 233 -16.96 0.37 30.62
C PHE A 233 -17.41 -0.77 31.53
N TYR A 234 -18.70 -0.87 31.83
CA TYR A 234 -19.14 -1.93 32.72
C TYR A 234 -19.55 -3.14 31.93
N THR A 235 -19.08 -4.32 32.37
CA THR A 235 -19.44 -5.56 31.71
C THR A 235 -20.51 -6.23 32.59
N PRO A 236 -21.79 -6.32 32.14
CA PRO A 236 -22.81 -6.98 32.95
C PRO A 236 -22.51 -8.46 33.22
N GLN A 237 -23.13 -9.03 34.28
CA GLN A 237 -22.86 -10.41 34.67
C GLN A 237 -23.27 -11.45 33.58
N TYR A 238 -24.26 -11.12 32.73
CA TYR A 238 -24.71 -12.03 31.68
C TYR A 238 -23.74 -12.13 30.50
N LEU A 239 -22.84 -11.16 30.36
CA LEU A 239 -21.83 -11.15 29.30
C LEU A 239 -20.83 -12.33 29.38
N ASN A 240 -20.67 -13.03 28.23
CA ASN A 240 -19.75 -14.18 28.09
C ASN A 240 -18.30 -13.71 28.15
N PRO A 241 -17.52 -14.24 29.14
CA PRO A 241 -16.10 -13.87 29.27
C PRO A 241 -15.32 -13.80 27.95
N SER A 242 -15.59 -14.74 27.00
CA SER A 242 -14.93 -14.71 25.68
C SER A 242 -15.26 -13.45 24.90
N VAL A 243 -16.53 -13.02 24.89
CA VAL A 243 -16.82 -11.79 24.16
C VAL A 243 -16.28 -10.59 24.93
N ILE A 244 -16.28 -10.67 26.32
CA ILE A 244 -15.73 -9.61 27.19
C ILE A 244 -14.27 -9.44 26.79
N SER A 245 -13.58 -10.56 26.56
CA SER A 245 -12.21 -10.59 26.09
C SER A 245 -12.11 -9.85 24.75
N LEU A 246 -13.00 -10.15 23.77
CA LEU A 246 -13.04 -9.51 22.45
C LEU A 246 -13.23 -7.99 22.57
N LEU A 247 -14.21 -7.56 23.41
CA LEU A 247 -14.50 -6.15 23.68
C LEU A 247 -13.29 -5.48 24.35
N LYS A 248 -12.62 -6.18 25.29
CA LYS A 248 -11.44 -5.63 25.97
C LYS A 248 -10.37 -5.27 24.91
N HIS A 249 -10.19 -6.14 23.88
CA HIS A 249 -9.24 -6.00 22.77
C HIS A 249 -9.69 -4.97 21.75
N MET A 250 -10.98 -4.94 21.44
CA MET A 250 -11.52 -3.99 20.46
C MET A 250 -11.62 -2.57 21.02
N LEU A 251 -11.81 -2.43 22.34
CA LEU A 251 -11.95 -1.12 22.99
C LEU A 251 -10.69 -0.71 23.74
N GLN A 252 -9.53 -0.85 23.06
CA GLN A 252 -8.24 -0.43 23.59
C GLN A 252 -8.10 1.08 23.34
N VAL A 253 -7.54 1.85 24.30
CA VAL A 253 -7.38 3.30 24.07
C VAL A 253 -6.21 3.53 23.13
N ASP A 254 -5.24 2.61 23.21
CA ASP A 254 -4.06 2.61 22.38
C ASP A 254 -4.39 1.91 21.04
N PRO A 255 -4.31 2.62 19.90
CA PRO A 255 -4.61 1.97 18.62
C PRO A 255 -3.56 0.93 18.29
N MET A 256 -2.33 1.15 18.81
CA MET A 256 -1.23 0.23 18.62
C MET A 256 -1.48 -1.12 19.30
N LYS A 257 -2.34 -1.15 20.36
CA LYS A 257 -2.73 -2.34 21.15
C LYS A 257 -4.17 -2.85 20.80
N ARG A 258 -4.88 -2.16 19.90
CA ARG A 258 -6.25 -2.52 19.52
C ARG A 258 -6.38 -3.64 18.48
N ALA A 259 -7.42 -4.47 18.63
CA ALA A 259 -7.77 -5.60 17.75
C ALA A 259 -7.84 -5.17 16.29
N THR A 260 -7.34 -6.04 15.42
CA THR A 260 -7.38 -5.77 13.99
C THR A 260 -8.47 -6.65 13.40
N ILE A 261 -8.96 -6.32 12.18
CA ILE A 261 -10.02 -7.11 11.52
C ILE A 261 -9.56 -8.59 11.46
N LYS A 262 -8.23 -8.84 11.38
CA LYS A 262 -7.63 -10.18 11.41
C LYS A 262 -7.72 -10.81 12.79
N ASP A 263 -7.38 -10.06 13.87
CA ASP A 263 -7.41 -10.57 15.25
C ASP A 263 -8.85 -10.91 15.69
N ILE A 264 -9.85 -10.16 15.15
CA ILE A 264 -11.25 -10.39 15.44
C ILE A 264 -11.66 -11.73 14.79
N ARG A 265 -11.30 -11.88 13.49
CA ARG A 265 -11.55 -13.06 12.67
C ARG A 265 -11.04 -14.32 13.37
N GLU A 266 -9.88 -14.18 14.06
CA GLU A 266 -9.14 -15.22 14.79
C GLU A 266 -9.71 -15.52 16.17
N HIS A 267 -10.45 -14.56 16.76
CA HIS A 267 -11.03 -14.70 18.09
C HIS A 267 -12.12 -15.76 18.09
N GLU A 268 -12.04 -16.68 19.04
CA GLU A 268 -12.94 -17.81 19.20
C GLU A 268 -14.45 -17.47 19.34
N TRP A 269 -14.78 -16.32 19.93
CA TRP A 269 -16.17 -15.92 20.08
C TRP A 269 -16.74 -15.66 18.71
N PHE A 270 -15.95 -14.96 17.87
CA PHE A 270 -16.28 -14.58 16.49
C PHE A 270 -16.44 -15.81 15.61
N LYS A 271 -15.36 -16.63 15.50
CA LYS A 271 -15.23 -17.86 14.71
C LYS A 271 -16.45 -18.76 14.82
N GLN A 272 -17.04 -18.83 16.04
CA GLN A 272 -18.19 -19.68 16.37
C GLN A 272 -19.32 -19.44 15.42
N ASP A 273 -19.73 -20.50 14.73
CA ASP A 273 -20.81 -20.59 13.73
C ASP A 273 -20.70 -19.55 12.57
N LEU A 274 -19.49 -19.00 12.33
CA LEU A 274 -19.24 -17.99 11.30
C LEU A 274 -19.48 -18.52 9.88
N PRO A 275 -20.49 -17.96 9.15
CA PRO A 275 -20.75 -18.42 7.78
C PRO A 275 -19.61 -18.16 6.81
N LYS A 276 -19.63 -19.02 5.83
CA LYS A 276 -18.71 -19.14 4.71
C LYS A 276 -18.74 -17.91 3.79
N TYR A 277 -19.96 -17.40 3.44
CA TYR A 277 -20.13 -16.32 2.47
C TYR A 277 -19.35 -15.06 2.81
N LEU A 278 -19.37 -14.63 4.08
CA LEU A 278 -18.60 -13.47 4.53
C LEU A 278 -17.18 -13.93 4.55
N PHE A 279 -16.24 -13.08 4.11
CA PHE A 279 -14.79 -13.41 4.07
C PHE A 279 -14.44 -14.63 3.18
N LYS A 397 18.89 -0.78 14.00
CA LYS A 397 18.63 0.39 14.87
C LYS A 397 18.02 1.62 14.11
N TRP A 398 16.83 1.45 13.47
CA TRP A 398 16.17 2.45 12.60
C TRP A 398 15.50 3.60 13.33
N HIS A 399 15.44 4.78 12.65
CA HIS A 399 14.82 6.03 13.14
C HIS A 399 14.02 6.68 12.04
N LEU A 400 12.86 7.25 12.36
CA LEU A 400 12.05 7.95 11.37
C LEU A 400 12.47 9.41 11.35
N GLY A 401 12.72 9.95 10.16
CA GLY A 401 13.14 11.34 9.95
C GLY A 401 14.28 11.82 10.84
N ILE A 402 14.27 13.13 11.17
CA ILE A 402 15.23 13.78 12.05
C ILE A 402 14.49 14.45 13.23
N ARG A 403 14.99 14.27 14.46
CA ARG A 403 14.36 14.84 15.65
C ARG A 403 15.15 16.00 16.31
N SER A 404 14.56 17.20 16.36
CA SER A 404 15.19 18.38 16.98
C SER A 404 14.38 18.89 18.17
N GLN A 405 15.08 19.35 19.22
CA GLN A 405 14.46 19.87 20.46
C GLN A 405 14.15 21.38 20.44
N SER A 406 14.41 22.07 19.30
CA SER A 406 14.17 23.51 19.14
C SER A 406 12.67 23.90 19.16
N ARG A 407 12.36 25.23 19.14
CA ARG A 407 11.00 25.76 19.13
C ARG A 407 10.43 25.57 17.71
N PRO A 408 9.24 24.93 17.55
CA PRO A 408 8.69 24.67 16.20
C PRO A 408 8.87 25.74 15.12
N ASN A 409 8.77 27.04 15.50
CA ASN A 409 8.94 28.17 14.58
C ASN A 409 10.38 28.22 14.03
N ASP A 410 11.39 28.01 14.92
CA ASP A 410 12.82 27.97 14.58
C ASP A 410 13.12 26.83 13.60
N ILE A 411 12.57 25.63 13.87
CA ILE A 411 12.70 24.41 13.07
C ILE A 411 12.24 24.64 11.64
N MET A 412 11.04 25.20 11.47
CA MET A 412 10.45 25.49 10.17
C MET A 412 11.24 26.57 9.41
N ALA A 413 11.78 27.54 10.15
CA ALA A 413 12.61 28.60 9.58
C ALA A 413 13.89 27.97 9.07
N GLU A 414 14.49 27.07 9.89
CA GLU A 414 15.70 26.35 9.56
C GLU A 414 15.50 25.50 8.31
N VAL A 415 14.33 24.80 8.17
CA VAL A 415 14.07 23.95 7.00
C VAL A 415 13.95 24.81 5.74
N CYS A 416 13.23 25.94 5.83
CA CYS A 416 13.07 26.85 4.70
C CYS A 416 14.37 27.50 4.25
N ARG A 417 15.27 27.82 5.22
CA ARG A 417 16.57 28.44 4.92
C ARG A 417 17.59 27.43 4.35
N ALA A 418 17.30 26.13 4.53
CA ALA A 418 18.11 25.04 4.03
C ALA A 418 17.57 24.53 2.68
N ILE A 419 16.23 24.53 2.50
CA ILE A 419 15.58 24.07 1.25
C ILE A 419 16.00 24.98 0.10
N LYS A 420 15.95 26.32 0.31
CA LYS A 420 16.37 27.32 -0.68
C LYS A 420 17.89 27.23 -0.91
N GLN A 421 18.65 26.84 0.16
CA GLN A 421 20.11 26.64 0.13
C GLN A 421 20.50 25.46 -0.77
N LEU A 422 19.49 24.76 -1.32
CA LEU A 422 19.62 23.62 -2.22
C LEU A 422 19.00 23.90 -3.60
N ASP A 423 18.35 25.07 -3.75
CA ASP A 423 17.66 25.54 -4.97
C ASP A 423 16.51 24.61 -5.35
N TYR A 424 15.68 24.29 -4.35
CA TYR A 424 14.52 23.42 -4.49
C TYR A 424 13.23 24.28 -4.46
N GLU A 425 12.30 24.04 -5.40
CA GLU A 425 11.01 24.74 -5.50
C GLU A 425 10.06 24.17 -4.43
N TRP A 426 9.25 25.01 -3.77
CA TRP A 426 8.33 24.50 -2.76
C TRP A 426 7.03 25.33 -2.65
N LYS A 427 6.06 24.80 -1.88
CA LYS A 427 4.75 25.40 -1.58
C LYS A 427 4.47 25.16 -0.09
N VAL A 428 4.18 26.24 0.68
CA VAL A 428 3.90 26.14 2.13
C VAL A 428 2.38 25.91 2.38
N VAL A 429 2.02 24.66 2.72
CA VAL A 429 0.64 24.26 2.98
C VAL A 429 0.22 24.75 4.36
N ASN A 430 0.63 24.03 5.42
CA ASN A 430 0.36 24.39 6.81
C ASN A 430 1.61 25.11 7.31
N PRO A 431 1.68 25.64 8.56
CA PRO A 431 2.96 26.17 9.04
C PRO A 431 3.89 25.04 9.51
N TYR A 432 3.52 23.76 9.20
CA TYR A 432 4.26 22.53 9.54
C TYR A 432 4.29 21.52 8.37
N TYR A 433 3.44 21.70 7.34
CA TYR A 433 3.38 20.88 6.12
C TYR A 433 4.04 21.71 5.03
N LEU A 434 4.96 21.10 4.26
CA LEU A 434 5.65 21.75 3.15
C LEU A 434 5.76 20.77 1.96
N ARG A 435 5.31 21.20 0.75
CA ARG A 435 5.40 20.40 -0.48
C ARG A 435 6.55 20.91 -1.37
N VAL A 436 7.71 20.23 -1.31
CA VAL A 436 8.93 20.61 -2.05
C VAL A 436 9.21 19.70 -3.28
N ARG A 437 9.63 20.36 -4.37
CA ARG A 437 9.99 19.85 -5.70
C ARG A 437 11.46 20.15 -6.02
N ARG A 438 12.11 19.28 -6.82
CA ARG A 438 13.51 19.43 -7.23
C ARG A 438 13.68 19.05 -8.70
N LYS A 439 14.45 19.88 -9.44
CA LYS A 439 14.77 19.64 -10.84
C LYS A 439 16.00 18.74 -10.88
N ASN A 440 15.94 17.63 -11.63
CA ASN A 440 17.09 16.70 -11.75
C ASN A 440 18.15 17.31 -12.67
N PRO A 441 19.40 17.46 -12.21
CA PRO A 441 20.44 18.04 -13.09
C PRO A 441 20.88 17.16 -14.28
N VAL A 442 20.58 15.85 -14.22
CA VAL A 442 20.96 14.88 -15.26
C VAL A 442 19.75 14.46 -16.14
N THR A 443 18.80 13.64 -15.59
CA THR A 443 17.63 13.11 -16.34
C THR A 443 16.60 14.21 -16.73
N SER A 444 16.77 15.44 -16.21
CA SER A 444 15.90 16.62 -16.45
C SER A 444 14.43 16.27 -16.17
N THR A 445 14.19 15.68 -14.98
CA THR A 445 12.88 15.25 -14.48
C THR A 445 12.61 15.83 -13.10
N PHE A 446 11.36 16.24 -12.88
CA PHE A 446 10.93 16.78 -11.60
C PHE A 446 10.66 15.63 -10.62
N SER A 447 11.02 15.82 -9.33
CA SER A 447 10.84 14.81 -8.27
C SER A 447 10.29 15.52 -7.01
N LYS A 448 9.15 15.05 -6.50
CA LYS A 448 8.49 15.70 -5.36
C LYS A 448 8.60 14.91 -4.06
N MET A 449 8.51 15.64 -2.92
CA MET A 449 8.53 15.12 -1.54
C MET A 449 7.81 16.06 -0.57
N SER A 450 7.15 15.49 0.47
CA SER A 450 6.43 16.26 1.48
C SER A 450 7.08 16.17 2.86
N LEU A 451 7.30 17.35 3.47
CA LEU A 451 7.94 17.48 4.77
C LEU A 451 6.93 17.91 5.81
N GLN A 452 6.91 17.20 6.95
CA GLN A 452 5.95 17.44 8.02
C GLN A 452 6.56 17.35 9.41
N LEU A 453 6.24 18.33 10.26
CA LEU A 453 6.72 18.31 11.62
C LEU A 453 5.63 17.83 12.57
N TYR A 454 6.02 16.91 13.45
CA TYR A 454 5.19 16.33 14.49
C TYR A 454 5.88 16.57 15.83
N GLN A 455 5.10 16.52 16.92
CA GLN A 455 5.61 16.66 18.27
C GLN A 455 5.69 15.26 18.86
N VAL A 456 6.91 14.80 19.16
CA VAL A 456 7.17 13.48 19.70
C VAL A 456 6.96 13.53 21.23
N ASP A 457 7.97 14.06 21.95
CA ASP A 457 7.99 14.22 23.40
C ASP A 457 7.25 15.49 23.76
N SER A 458 7.23 15.78 25.06
CA SER A 458 6.69 17.02 25.59
C SER A 458 7.85 18.02 25.46
N ARG A 459 9.07 17.49 25.19
CA ARG A 459 10.33 18.20 25.02
C ARG A 459 10.91 18.19 23.58
N THR A 460 10.60 17.17 22.75
CA THR A 460 11.15 17.10 21.38
C THR A 460 10.09 17.00 20.24
N TYR A 461 10.52 17.33 19.00
CA TYR A 461 9.75 17.33 17.73
C TYR A 461 10.48 16.54 16.64
N LEU A 462 9.81 16.10 15.53
CA LEU A 462 10.54 15.37 14.46
C LEU A 462 10.00 15.70 13.06
N LEU A 463 10.94 15.95 12.12
CA LEU A 463 10.63 16.26 10.72
C LEU A 463 10.57 14.97 9.93
N ASP A 464 9.39 14.67 9.43
CA ASP A 464 9.09 13.48 8.64
C ASP A 464 9.19 13.79 7.15
N PHE A 465 9.73 12.83 6.38
CA PHE A 465 9.86 12.96 4.94
C PHE A 465 8.98 11.92 4.25
N ARG A 466 8.06 12.36 3.37
CA ARG A 466 7.17 11.47 2.61
C ARG A 466 7.39 11.65 1.10
N SER A 467 7.54 10.53 0.37
CA SER A 467 7.72 10.52 -1.08
C SER A 467 6.37 10.74 -1.80
N ILE A 468 6.40 11.65 -2.79
CA ILE A 468 5.22 11.99 -3.59
C ILE A 468 5.34 11.35 -4.98
N ASP A 469 4.39 10.46 -5.30
CA ASP A 469 4.33 9.76 -6.59
C ASP A 469 3.70 10.66 -7.68
N ASP A 470 4.22 10.58 -8.94
CA ASP A 470 3.77 11.42 -10.06
C ASP A 470 2.39 11.00 -10.62
N SER A 485 15.90 6.85 -11.14
CA SER A 485 15.10 6.09 -10.18
C SER A 485 14.41 6.98 -9.12
N HIS A 486 13.07 6.87 -9.03
CA HIS A 486 12.21 7.63 -8.11
C HIS A 486 12.71 7.55 -6.67
N THR A 487 12.70 6.32 -6.11
CA THR A 487 13.10 5.98 -4.74
C THR A 487 14.49 6.52 -4.40
N ILE A 488 15.50 6.25 -5.26
CA ILE A 488 16.87 6.69 -4.98
C ILE A 488 16.97 8.21 -5.01
N GLU A 489 16.32 8.86 -5.98
CA GLU A 489 16.32 10.33 -6.06
C GLU A 489 15.68 10.92 -4.81
N PHE A 490 14.67 10.22 -4.25
CA PHE A 490 13.99 10.63 -3.02
C PHE A 490 15.01 10.66 -1.88
N PHE A 491 15.73 9.53 -1.70
CA PHE A 491 16.77 9.40 -0.69
C PHE A 491 17.78 10.52 -0.79
N GLU A 492 18.33 10.76 -2.00
CA GLU A 492 19.31 11.81 -2.26
C GLU A 492 18.75 13.17 -1.81
N MET A 493 17.51 13.48 -2.25
CA MET A 493 16.81 14.70 -1.90
C MET A 493 16.83 14.89 -0.38
N CYS A 494 16.35 13.88 0.37
CA CYS A 494 16.31 13.87 1.84
C CYS A 494 17.69 14.04 2.47
N ALA A 495 18.64 13.18 2.06
CA ALA A 495 20.02 13.13 2.56
C ALA A 495 20.61 14.51 2.64
N ASN A 496 20.64 15.24 1.50
CA ASN A 496 21.18 16.59 1.38
C ASN A 496 20.77 17.49 2.55
N LEU A 497 19.46 17.46 2.90
CA LEU A 497 18.88 18.24 3.98
C LEU A 497 19.45 17.85 5.33
N ILE A 498 19.44 16.54 5.63
CA ILE A 498 19.88 15.94 6.89
C ILE A 498 21.31 16.39 7.29
N LYS A 499 22.29 16.27 6.36
CA LYS A 499 23.69 16.67 6.60
C LYS A 499 23.81 18.12 7.11
N ILE A 500 22.85 18.98 6.76
CA ILE A 500 22.79 20.36 7.22
C ILE A 500 21.58 20.55 8.12
N LEU A 501 21.37 19.62 9.09
CA LEU A 501 20.20 19.72 9.99
C LEU A 501 20.40 19.06 11.38
N ALA A 502 19.46 19.42 12.32
CA ALA A 502 19.39 19.10 13.77
C ALA A 502 18.77 17.73 14.18
N GLN A 503 19.69 16.74 14.45
CA GLN A 503 19.52 15.35 14.92
C GLN A 503 18.52 14.52 14.08
N PRO B 13 -33.90 15.24 -16.96
CA PRO B 13 -35.03 15.67 -16.13
C PRO B 13 -34.68 16.87 -15.27
N THR B 14 -35.62 17.80 -15.12
CA THR B 14 -35.37 19.01 -14.35
C THR B 14 -36.29 19.09 -13.12
N VAL B 15 -35.77 19.62 -11.99
CA VAL B 15 -36.53 19.80 -10.75
C VAL B 15 -37.10 21.23 -10.66
N PHE B 16 -38.35 21.34 -10.22
CA PHE B 16 -39.03 22.62 -10.06
C PHE B 16 -39.53 22.66 -8.64
N ARG B 17 -38.85 23.42 -7.78
CA ARG B 17 -39.21 23.52 -6.36
C ARG B 17 -39.57 24.96 -5.91
N TRP B 18 -40.79 25.14 -5.34
CA TRP B 18 -41.25 26.44 -4.84
C TRP B 18 -41.08 26.43 -3.33
N THR B 19 -40.14 27.24 -2.83
CA THR B 19 -39.84 27.31 -1.40
C THR B 19 -40.57 28.46 -0.78
N GLY B 20 -41.55 28.09 0.03
CA GLY B 20 -42.41 29.02 0.71
C GLY B 20 -43.81 28.46 0.70
N GLY B 21 -44.59 28.84 1.71
CA GLY B 21 -45.95 28.34 1.91
C GLY B 21 -46.94 28.58 0.79
N GLY B 22 -48.07 27.87 0.88
CA GLY B 22 -49.17 27.95 -0.06
C GLY B 22 -50.16 26.81 0.00
N LYS B 23 -51.44 27.13 -0.29
CA LYS B 23 -52.55 26.18 -0.37
C LYS B 23 -52.46 25.48 -1.71
N GLU B 24 -52.50 26.23 -2.81
CA GLU B 24 -52.34 25.61 -4.12
C GLU B 24 -51.30 26.39 -4.96
N VAL B 25 -50.31 25.65 -5.54
CA VAL B 25 -49.19 26.17 -6.34
C VAL B 25 -49.10 25.39 -7.66
N TYR B 26 -48.97 26.11 -8.82
CA TYR B 26 -48.84 25.56 -10.19
C TYR B 26 -47.64 26.15 -10.94
N LEU B 27 -47.08 25.36 -11.88
CA LEU B 27 -45.97 25.73 -12.75
C LEU B 27 -46.45 25.90 -14.20
N SER B 28 -46.46 27.15 -14.73
CA SER B 28 -46.78 27.45 -16.13
C SER B 28 -45.44 27.62 -16.80
N GLY B 29 -45.25 27.03 -17.98
CA GLY B 29 -43.96 27.12 -18.63
C GLY B 29 -44.02 26.94 -20.11
N SER B 30 -43.03 27.49 -20.85
CA SER B 30 -42.94 27.34 -22.30
C SER B 30 -43.02 25.85 -22.70
N PHE B 31 -42.33 24.98 -21.93
CA PHE B 31 -42.34 23.53 -22.09
C PHE B 31 -43.76 22.93 -22.07
N ASN B 32 -44.67 23.38 -21.18
CA ASN B 32 -46.02 22.80 -21.17
C ASN B 32 -47.08 23.74 -21.76
N ASN B 33 -46.65 24.52 -22.77
CA ASN B 33 -47.48 25.52 -23.44
C ASN B 33 -48.26 26.42 -22.45
N TRP B 34 -47.56 26.83 -21.38
CA TRP B 34 -48.03 27.70 -20.32
C TRP B 34 -49.29 27.19 -19.64
N SER B 35 -49.45 25.86 -19.62
CA SER B 35 -50.59 25.26 -18.95
C SER B 35 -50.28 25.18 -17.45
N LYS B 36 -51.29 25.34 -16.56
CA LYS B 36 -51.06 25.28 -15.13
C LYS B 36 -50.91 23.81 -14.67
N LEU B 37 -49.67 23.47 -14.29
CA LEU B 37 -49.27 22.16 -13.81
C LEU B 37 -49.20 22.23 -12.28
N PRO B 38 -49.82 21.31 -11.54
CA PRO B 38 -49.77 21.40 -10.07
C PRO B 38 -48.55 20.76 -9.41
N LEU B 39 -47.81 21.54 -8.62
CA LEU B 39 -46.66 21.04 -7.87
C LEU B 39 -47.19 20.48 -6.57
N THR B 40 -46.73 19.28 -6.25
CA THR B 40 -47.04 18.53 -5.05
C THR B 40 -46.23 19.15 -3.90
N ARG B 41 -46.85 19.37 -2.72
CA ARG B 41 -46.11 19.93 -1.59
C ARG B 41 -45.76 18.88 -0.59
N GLN B 43 -43.63 19.90 2.37
CA GLN B 43 -43.61 20.65 3.64
C GLN B 43 -43.70 22.16 3.44
N ASN B 44 -42.58 22.77 3.08
CA ASN B 44 -42.50 24.21 2.82
C ASN B 44 -41.96 24.34 1.38
N ASN B 45 -41.68 23.15 0.75
CA ASN B 45 -41.21 22.93 -0.60
C ASN B 45 -42.33 22.23 -1.43
N PHE B 46 -42.64 22.84 -2.61
CA PHE B 46 -43.62 22.39 -3.60
C PHE B 46 -42.84 21.99 -4.82
N VAL B 47 -42.86 20.71 -5.18
CA VAL B 47 -42.01 20.26 -6.27
C VAL B 47 -42.70 19.45 -7.40
N ALA B 48 -42.06 19.46 -8.59
CA ALA B 48 -42.34 18.67 -9.80
C ALA B 48 -41.02 18.42 -10.53
N ILE B 49 -40.89 17.24 -11.12
CA ILE B 49 -39.72 16.85 -11.89
C ILE B 49 -40.24 16.45 -13.25
N LEU B 50 -39.63 16.99 -14.34
CA LEU B 50 -40.05 16.72 -15.73
C LEU B 50 -38.84 16.82 -16.68
N ASP B 51 -38.70 15.91 -17.69
CA ASP B 51 -37.55 16.09 -18.60
C ASP B 51 -37.90 17.11 -19.66
N LEU B 52 -36.94 18.00 -19.93
CA LEU B 52 -37.10 19.07 -20.89
C LEU B 52 -35.97 18.96 -21.89
N PRO B 53 -36.21 19.28 -23.18
CA PRO B 53 -35.11 19.25 -24.15
C PRO B 53 -33.97 20.21 -23.82
N GLU B 54 -32.70 19.84 -24.18
CA GLU B 54 -31.49 20.66 -24.02
C GLU B 54 -31.68 22.00 -24.80
N GLY B 55 -32.28 22.98 -24.14
CA GLY B 55 -32.59 24.27 -24.72
C GLY B 55 -32.95 25.31 -23.67
N GLU B 56 -33.51 26.45 -24.13
CA GLU B 56 -33.93 27.56 -23.26
C GLU B 56 -35.42 27.41 -22.97
N HIS B 57 -35.80 27.54 -21.69
CA HIS B 57 -37.20 27.45 -21.28
C HIS B 57 -37.54 28.53 -20.27
N GLN B 58 -38.71 29.16 -20.44
CA GLN B 58 -39.18 30.15 -19.50
C GLN B 58 -40.34 29.56 -18.76
N TYR B 59 -40.50 29.96 -17.50
CA TYR B 59 -41.56 29.49 -16.61
C TYR B 59 -41.96 30.53 -15.58
N LYS B 60 -43.12 30.34 -14.98
CA LYS B 60 -43.65 31.23 -13.95
C LYS B 60 -44.42 30.32 -13.00
N PHE B 61 -44.82 30.86 -11.82
CA PHE B 61 -45.58 30.13 -10.82
C PHE B 61 -46.89 30.77 -10.54
N PHE B 62 -47.91 29.92 -10.33
CA PHE B 62 -49.24 30.36 -9.94
C PHE B 62 -49.47 29.94 -8.51
N VAL B 63 -48.94 30.76 -7.60
CA VAL B 63 -48.93 30.49 -6.17
C VAL B 63 -50.11 31.15 -5.53
N ASP B 64 -51.16 30.40 -5.18
CA ASP B 64 -52.34 30.94 -4.49
C ASP B 64 -52.90 32.25 -5.04
N GLY B 65 -53.42 32.19 -6.27
CA GLY B 65 -54.07 33.33 -6.93
C GLY B 65 -53.15 34.37 -7.52
N GLN B 66 -51.84 34.28 -7.22
CA GLN B 66 -50.84 35.20 -7.71
C GLN B 66 -49.83 34.55 -8.64
N TRP B 67 -49.33 35.33 -9.59
CA TRP B 67 -48.34 34.87 -10.55
C TRP B 67 -46.99 35.41 -10.12
N THR B 68 -46.01 34.54 -9.79
CA THR B 68 -44.66 34.99 -9.43
C THR B 68 -43.64 34.22 -10.20
N HIS B 69 -42.39 34.48 -9.88
CA HIS B 69 -41.22 33.79 -10.37
C HIS B 69 -40.34 33.63 -9.11
N ASP B 70 -39.38 32.69 -9.14
CA ASP B 70 -38.43 32.53 -8.05
C ASP B 70 -37.42 33.67 -8.21
N PRO B 71 -37.40 34.66 -7.26
CA PRO B 71 -36.47 35.80 -7.40
C PRO B 71 -35.01 35.36 -7.47
N SER B 72 -34.70 34.25 -6.78
CA SER B 72 -33.39 33.62 -6.69
C SER B 72 -32.93 32.97 -8.00
N GLU B 73 -33.89 32.54 -8.84
CA GLU B 73 -33.61 31.93 -10.15
C GLU B 73 -33.49 32.98 -11.25
N PRO B 74 -32.67 32.72 -12.31
CA PRO B 74 -32.50 33.73 -13.36
C PRO B 74 -33.80 34.13 -14.07
N ILE B 75 -33.97 35.42 -14.25
CA ILE B 75 -35.16 35.90 -14.89
C ILE B 75 -34.84 36.46 -16.26
N VAL B 76 -35.88 36.91 -16.98
CA VAL B 76 -35.85 37.54 -18.29
C VAL B 76 -37.03 38.50 -18.34
N THR B 77 -36.76 39.78 -18.60
CA THR B 77 -37.86 40.73 -18.75
C THR B 77 -38.15 40.93 -20.26
N SER B 78 -39.43 40.78 -20.62
CA SER B 78 -39.96 40.86 -21.97
C SER B 78 -40.04 42.28 -22.45
N GLN B 79 -40.18 42.43 -23.77
CA GLN B 79 -40.36 43.69 -24.51
C GLN B 79 -41.68 44.36 -24.00
N LEU B 80 -42.60 43.50 -23.48
CA LEU B 80 -43.92 43.81 -22.90
C LEU B 80 -43.91 43.83 -21.36
N GLY B 81 -42.71 43.78 -20.78
CA GLY B 81 -42.48 43.85 -19.34
C GLY B 81 -42.96 42.64 -18.57
N THR B 82 -42.88 41.46 -19.20
CA THR B 82 -43.29 40.19 -18.62
C THR B 82 -42.06 39.63 -17.93
N VAL B 83 -42.12 39.40 -16.61
CA VAL B 83 -40.96 38.80 -15.93
C VAL B 83 -41.19 37.34 -15.65
N ASN B 84 -40.41 36.48 -16.30
CA ASN B 84 -40.44 35.03 -16.09
C ASN B 84 -39.05 34.50 -15.75
N ASN B 85 -39.00 33.39 -15.02
CA ASN B 85 -37.74 32.73 -14.75
C ASN B 85 -37.33 32.08 -16.03
N ILE B 86 -36.06 31.81 -16.13
CA ILE B 86 -35.45 31.15 -17.26
C ILE B 86 -34.65 29.94 -16.76
N ILE B 87 -34.43 28.99 -17.66
CA ILE B 87 -33.65 27.80 -17.37
C ILE B 87 -32.95 27.37 -18.65
N GLN B 88 -31.62 27.29 -18.58
CA GLN B 88 -30.85 26.82 -19.72
C GLN B 88 -30.43 25.42 -19.32
N VAL B 89 -31.15 24.40 -19.81
CA VAL B 89 -30.78 23.05 -19.42
C VAL B 89 -29.60 22.60 -20.30
N LYS B 90 -28.40 22.66 -19.67
CA LYS B 90 -27.09 22.34 -20.24
C LYS B 90 -26.85 20.84 -20.36
N LYS B 91 -26.02 20.42 -21.34
CA LYS B 91 -25.66 19.01 -21.58
C LYS B 91 -24.99 18.42 -20.34
N THR B 92 -24.11 19.22 -19.71
CA THR B 92 -23.33 18.96 -18.49
C THR B 92 -24.20 18.59 -17.27
N ASP B 93 -25.42 19.17 -17.16
CA ASP B 93 -26.39 18.94 -16.07
C ASP B 93 -26.87 17.49 -15.97
N PHE B 94 -26.90 16.78 -17.10
CA PHE B 94 -27.34 15.40 -17.22
C PHE B 94 -26.42 14.38 -16.52
N GLU B 95 -25.09 14.42 -16.84
CA GLU B 95 -24.07 13.52 -16.32
C GLU B 95 -23.45 14.00 -15.01
N VAL B 96 -23.53 13.12 -13.99
CA VAL B 96 -23.11 13.29 -12.58
C VAL B 96 -21.69 13.81 -12.41
N PHE B 97 -20.70 13.13 -13.00
CA PHE B 97 -19.32 13.54 -12.85
C PHE B 97 -18.99 14.77 -13.66
N ASP B 98 -19.74 15.00 -14.79
CA ASP B 98 -19.62 16.18 -15.66
C ASP B 98 -20.10 17.40 -14.89
N ALA B 99 -21.25 17.25 -14.20
CA ALA B 99 -21.90 18.24 -13.36
C ALA B 99 -21.07 18.53 -12.09
N LEU B 100 -20.55 17.49 -11.41
CA LEU B 100 -19.72 17.68 -10.21
C LEU B 100 -18.41 18.41 -10.47
N MET B 101 -17.83 18.22 -11.68
CA MET B 101 -16.63 18.92 -12.12
C MET B 101 -16.99 20.39 -12.45
N VAL B 102 -18.19 20.62 -13.06
CA VAL B 102 -18.66 21.96 -13.42
C VAL B 102 -19.12 22.77 -12.17
N ASP B 103 -19.43 22.06 -11.05
CA ASP B 103 -19.87 22.59 -9.74
C ASP B 103 -18.73 23.19 -8.90
N SER B 104 -17.48 22.76 -9.17
CA SER B 104 -16.27 23.21 -8.48
C SER B 104 -15.73 24.58 -9.02
N GLN B 105 -16.67 25.45 -9.48
CA GLN B 105 -16.46 26.78 -10.05
C GLN B 105 -17.80 27.51 -10.27
N LYS B 135 -1.57 27.72 14.89
CA LYS B 135 -1.46 26.28 14.77
C LYS B 135 -0.41 25.70 15.71
N ALA B 136 -0.45 24.36 15.88
CA ALA B 136 0.49 23.60 16.71
C ALA B 136 0.96 22.38 15.93
N PRO B 137 2.20 21.88 16.15
CA PRO B 137 2.66 20.72 15.37
C PRO B 137 1.84 19.45 15.66
N PRO B 138 1.24 18.79 14.63
CA PRO B 138 0.45 17.56 14.89
C PRO B 138 1.22 16.55 15.73
N ILE B 139 0.59 15.84 16.68
CA ILE B 139 1.32 14.83 17.48
C ILE B 139 1.75 13.65 16.60
N LEU B 140 2.85 13.01 16.95
CA LEU B 140 3.38 11.90 16.17
C LEU B 140 2.49 10.65 16.21
N PRO B 141 1.88 10.26 15.05
CA PRO B 141 1.06 9.03 15.02
C PRO B 141 1.91 7.77 15.27
N PRO B 142 1.56 6.92 16.30
CA PRO B 142 2.41 5.76 16.65
C PRO B 142 2.76 4.78 15.52
N HIS B 143 1.94 4.83 14.47
CA HIS B 143 1.96 4.05 13.25
C HIS B 143 3.30 4.23 12.57
N LEU B 144 3.80 5.48 12.49
CA LEU B 144 5.08 5.79 11.84
C LEU B 144 6.31 5.28 12.59
N LEU B 145 6.10 4.58 13.71
CA LEU B 145 7.18 4.00 14.50
C LEU B 145 7.14 2.49 14.39
N GLN B 146 6.04 1.96 13.87
CA GLN B 146 5.90 0.53 13.64
C GLN B 146 6.60 0.25 12.29
N VAL B 147 7.90 -0.19 12.32
CA VAL B 147 8.68 -0.48 11.11
C VAL B 147 8.65 -2.03 10.83
N ILE B 148 9.25 -2.48 9.70
CA ILE B 148 9.30 -3.89 9.29
C ILE B 148 10.74 -4.46 9.16
N LEU B 149 11.77 -3.71 9.63
CA LEU B 149 13.15 -4.19 9.48
C LEU B 149 13.78 -4.81 10.72
N ASN B 150 13.59 -4.19 11.91
CA ASN B 150 14.17 -4.68 13.18
C ASN B 150 13.50 -6.00 13.65
N LYS B 151 12.14 -5.96 13.80
CA LYS B 151 11.30 -7.10 14.21
C LYS B 151 11.12 -8.11 13.08
N SER B 156 17.53 -19.84 9.50
CA SER B 156 16.17 -19.90 9.98
C SER B 156 15.17 -19.44 8.90
N CYS B 157 15.08 -18.10 8.68
CA CYS B 157 14.20 -17.44 7.70
C CYS B 157 14.98 -16.51 6.75
N ASP B 158 14.40 -16.22 5.52
CA ASP B 158 15.00 -15.39 4.47
C ASP B 158 15.19 -13.95 4.92
N PRO B 159 16.45 -13.44 4.89
CA PRO B 159 16.70 -12.07 5.35
C PRO B 159 16.09 -11.00 4.43
N ALA B 160 15.94 -11.34 3.13
CA ALA B 160 15.36 -10.48 2.09
C ALA B 160 13.87 -10.37 2.31
N LEU B 161 13.21 -11.46 2.76
CA LEU B 161 11.77 -11.47 3.01
C LEU B 161 11.43 -10.67 4.25
N LEU B 162 10.39 -9.82 4.14
CA LEU B 162 9.96 -8.92 5.20
C LEU B 162 8.44 -8.95 5.41
N PRO B 163 7.93 -8.42 6.57
CA PRO B 163 6.46 -8.37 6.77
C PRO B 163 5.76 -7.34 5.87
N GLU B 164 4.45 -7.54 5.65
CA GLU B 164 3.64 -6.63 4.86
C GLU B 164 3.44 -5.37 5.73
N PRO B 165 3.55 -4.14 5.16
CA PRO B 165 3.44 -2.91 5.99
C PRO B 165 2.04 -2.27 6.04
N ASN B 166 1.78 -1.36 7.04
CA ASN B 166 0.49 -0.66 7.01
C ASN B 166 0.70 0.47 6.03
N HIS B 167 -0.27 0.66 5.10
CA HIS B 167 -0.26 1.66 4.02
C HIS B 167 0.31 3.00 4.45
N VAL B 168 0.03 3.37 5.70
CA VAL B 168 0.34 4.60 6.39
C VAL B 168 1.87 4.90 6.51
N MET B 169 2.72 3.86 6.49
CA MET B 169 4.16 4.02 6.63
C MET B 169 4.92 3.93 5.28
N LEU B 170 4.20 3.73 4.18
CA LEU B 170 4.80 3.68 2.86
C LEU B 170 5.26 5.07 2.43
N ASN B 171 6.35 5.12 1.65
CA ASN B 171 6.95 6.35 1.11
C ASN B 171 7.62 7.27 2.17
N HIS B 172 7.54 6.90 3.47
CA HIS B 172 8.16 7.64 4.56
C HIS B 172 9.64 7.33 4.70
N LEU B 173 10.49 8.38 4.88
CA LEU B 173 11.93 8.19 5.06
C LEU B 173 12.27 7.90 6.50
N TYR B 174 13.04 6.84 6.65
CA TYR B 174 13.62 6.34 7.89
C TYR B 174 15.13 6.27 7.60
N ALA B 175 15.95 6.48 8.63
CA ALA B 175 17.40 6.44 8.53
C ALA B 175 18.00 5.85 9.77
N LEU B 176 19.24 5.40 9.64
CA LEU B 176 20.06 4.84 10.69
C LEU B 176 21.12 5.87 11.01
N SER B 177 21.53 5.91 12.28
CA SER B 177 22.57 6.83 12.78
C SER B 177 23.79 6.82 11.85
N ILE B 178 24.36 8.01 11.59
CA ILE B 178 25.54 8.11 10.71
C ILE B 178 26.81 7.65 11.44
N LYS B 179 27.13 6.37 11.29
CA LYS B 179 28.30 5.73 11.90
C LYS B 179 29.32 5.45 10.81
N ASP B 180 30.53 6.05 10.92
CA ASP B 180 31.65 5.89 9.97
C ASP B 180 31.49 6.80 8.75
N GLY B 181 30.95 8.00 8.98
CA GLY B 181 30.76 9.01 7.94
C GLY B 181 29.96 8.56 6.73
N VAL B 182 29.11 7.53 6.94
CA VAL B 182 28.23 6.94 5.95
C VAL B 182 26.80 6.87 6.50
N MET B 183 25.87 7.51 5.77
CA MET B 183 24.44 7.61 6.07
C MET B 183 23.75 6.40 5.49
N VAL B 184 22.74 5.88 6.18
CA VAL B 184 21.99 4.72 5.68
C VAL B 184 20.52 5.09 5.66
N LEU B 185 19.95 5.34 4.48
CA LEU B 185 18.53 5.71 4.39
C LEU B 185 17.68 4.53 3.93
N SER B 186 16.38 4.52 4.31
CA SER B 186 15.48 3.46 3.93
C SER B 186 14.05 3.91 3.77
N ALA B 187 13.27 3.17 2.94
CA ALA B 187 11.84 3.41 2.69
C ALA B 187 11.14 2.22 2.01
N THR B 188 9.87 1.95 2.39
CA THR B 188 9.05 0.89 1.79
C THR B 188 8.12 1.53 0.79
N HIS B 189 8.13 1.00 -0.42
CA HIS B 189 7.31 1.52 -1.51
C HIS B 189 6.48 0.42 -2.09
N ARG B 190 5.28 0.73 -2.58
CA ARG B 190 4.47 -0.31 -3.20
C ARG B 190 4.42 -0.17 -4.72
N TYR B 191 4.68 -1.31 -5.40
CA TYR B 191 4.60 -1.50 -6.85
C TYR B 191 3.59 -2.62 -7.04
N LYS B 192 2.43 -2.26 -7.65
CA LYS B 192 1.28 -3.15 -7.86
C LYS B 192 0.75 -3.68 -6.48
N LYS B 193 0.63 -5.01 -6.30
CA LYS B 193 0.16 -5.61 -5.04
C LYS B 193 1.31 -6.21 -4.19
N LYS B 194 2.57 -5.80 -4.50
CA LYS B 194 3.82 -6.22 -3.83
C LYS B 194 4.49 -4.97 -3.24
N TYR B 195 5.45 -5.12 -2.28
CA TYR B 195 6.15 -3.99 -1.61
C TYR B 195 7.67 -4.17 -1.58
N VAL B 196 8.43 -3.06 -1.74
CA VAL B 196 9.91 -3.10 -1.74
C VAL B 196 10.51 -2.07 -0.78
N THR B 197 11.21 -2.58 0.26
CA THR B 197 11.92 -1.76 1.25
C THR B 197 13.36 -1.61 0.77
N THR B 198 13.64 -0.49 0.09
CA THR B 198 14.96 -0.18 -0.48
C THR B 198 15.78 0.61 0.51
N LEU B 199 17.04 0.22 0.70
CA LEU B 199 17.93 0.94 1.61
C LEU B 199 19.23 1.33 0.93
N LEU B 200 19.50 2.65 0.92
CA LEU B 200 20.66 3.22 0.29
C LEU B 200 21.81 3.48 1.24
N TYR B 201 22.98 2.90 0.92
CA TYR B 201 24.24 3.10 1.62
C TYR B 201 24.90 4.25 0.88
N LYS B 202 24.88 5.42 1.51
CA LYS B 202 25.38 6.65 0.92
C LYS B 202 26.42 7.33 1.81
N PRO B 203 27.62 7.60 1.24
CA PRO B 203 28.61 8.35 2.02
C PRO B 203 28.21 9.83 2.06
N ILE B 204 28.69 10.51 3.11
CA ILE B 204 28.46 11.93 3.36
C ILE B 204 29.78 12.58 3.70
N SER C 26 9.17 -26.65 -26.96
CA SER C 26 9.31 -27.29 -25.65
C SER C 26 8.24 -26.78 -24.68
N VAL C 27 7.54 -27.72 -23.99
CA VAL C 27 6.43 -27.50 -23.04
C VAL C 27 6.79 -26.53 -21.89
N TYR C 28 7.99 -26.72 -21.29
CA TYR C 28 8.53 -25.90 -20.20
C TYR C 28 8.78 -24.47 -20.68
N THR C 29 9.46 -24.36 -21.84
CA THR C 29 9.85 -23.13 -22.55
C THR C 29 8.62 -22.25 -22.91
N THR C 30 7.48 -22.87 -23.27
CA THR C 30 6.25 -22.16 -23.60
C THR C 30 5.67 -21.54 -22.32
N PHE C 31 5.71 -22.31 -21.21
CA PHE C 31 5.19 -21.89 -19.90
C PHE C 31 5.97 -20.68 -19.34
N MET C 32 7.28 -20.67 -19.57
CA MET C 32 8.14 -19.58 -19.14
C MET C 32 7.93 -18.34 -20.00
N LYS C 33 7.67 -18.54 -21.31
CA LYS C 33 7.42 -17.48 -22.29
C LYS C 33 6.16 -16.68 -21.97
N SER C 34 5.22 -17.28 -21.23
CA SER C 34 3.93 -16.69 -20.84
C SER C 34 3.91 -15.94 -19.51
N HIS C 35 4.63 -16.45 -18.48
CA HIS C 35 4.66 -15.90 -17.13
C HIS C 35 5.52 -14.64 -16.97
N ARG C 36 4.94 -13.59 -16.36
CA ARG C 36 5.60 -12.30 -16.12
C ARG C 36 6.53 -12.39 -14.91
N CYS C 37 7.69 -11.72 -14.99
CA CYS C 37 8.70 -11.67 -13.93
C CYS C 37 8.08 -11.33 -12.59
N TYR C 38 7.16 -10.35 -12.59
CA TYR C 38 6.41 -9.86 -11.44
C TYR C 38 5.83 -10.98 -10.59
N ASP C 39 5.23 -12.00 -11.23
CA ASP C 39 4.62 -13.15 -10.56
C ASP C 39 5.59 -13.82 -9.57
N LEU C 40 6.91 -13.69 -9.84
CA LEU C 40 7.97 -14.23 -9.00
C LEU C 40 8.48 -13.27 -7.93
N ILE C 41 8.24 -11.94 -8.08
CA ILE C 41 8.61 -10.94 -7.06
C ILE C 41 7.79 -11.29 -5.77
N PRO C 42 8.39 -11.30 -4.56
CA PRO C 42 7.60 -11.68 -3.38
C PRO C 42 6.82 -10.52 -2.77
N THR C 43 5.81 -10.91 -1.97
CA THR C 43 4.87 -10.11 -1.21
C THR C 43 5.54 -8.81 -0.67
N SER C 44 6.65 -8.94 0.10
CA SER C 44 7.45 -7.83 0.63
C SER C 44 8.93 -8.25 0.68
N SER C 45 9.76 -7.58 -0.13
CA SER C 45 11.18 -7.89 -0.16
C SER C 45 12.04 -6.70 0.30
N LYS C 46 13.36 -6.97 0.50
CA LYS C 46 14.39 -6.01 0.91
C LYS C 46 15.33 -5.79 -0.28
N LEU C 47 15.73 -4.53 -0.50
CA LEU C 47 16.67 -4.18 -1.54
C LEU C 47 17.75 -3.30 -1.00
N VAL C 48 19.01 -3.72 -1.18
CA VAL C 48 20.17 -2.96 -0.73
C VAL C 48 20.89 -2.35 -1.94
N VAL C 49 20.97 -1.00 -1.99
CA VAL C 49 21.63 -0.28 -3.09
C VAL C 49 22.82 0.49 -2.54
N PHE C 50 23.96 0.42 -3.24
CA PHE C 50 25.15 1.11 -2.78
C PHE C 50 25.53 2.24 -3.72
N ASP C 51 25.83 3.42 -3.14
CA ASP C 51 26.33 4.57 -3.91
C ASP C 51 27.77 4.21 -4.26
N THR C 52 28.16 4.34 -5.56
CA THR C 52 29.49 4.01 -6.09
C THR C 52 30.64 4.63 -5.30
N SER C 53 30.41 5.78 -4.66
CA SER C 53 31.40 6.47 -3.85
C SER C 53 31.60 5.80 -2.45
N LEU C 54 30.89 4.68 -2.19
CA LEU C 54 31.01 3.98 -0.92
C LEU C 54 32.27 3.17 -0.90
N GLN C 55 32.97 3.18 0.24
CA GLN C 55 34.20 2.41 0.43
C GLN C 55 33.85 0.92 0.25
N VAL C 56 34.48 0.28 -0.76
CA VAL C 56 34.21 -1.10 -1.16
C VAL C 56 34.28 -2.11 0.01
N LYS C 57 35.11 -1.88 1.06
CA LYS C 57 35.15 -2.81 2.21
C LYS C 57 33.78 -2.81 2.93
N LYS C 58 33.26 -1.59 3.27
CA LYS C 58 31.97 -1.32 3.91
C LYS C 58 30.86 -1.94 3.09
N ALA C 59 31.03 -1.90 1.76
CA ALA C 59 30.11 -2.43 0.78
C ALA C 59 29.89 -3.91 0.96
N PHE C 60 30.98 -4.71 1.10
CA PHE C 60 30.85 -6.16 1.32
C PHE C 60 30.33 -6.46 2.70
N PHE C 61 30.84 -5.73 3.71
CA PHE C 61 30.41 -5.84 5.11
C PHE C 61 28.90 -5.64 5.21
N ALA C 62 28.34 -4.70 4.40
CA ALA C 62 26.91 -4.42 4.32
C ALA C 62 26.10 -5.59 3.71
N LEU C 63 26.68 -6.33 2.72
CA LEU C 63 26.02 -7.50 2.13
C LEU C 63 25.79 -8.54 3.23
N VAL C 64 26.84 -8.83 3.98
CA VAL C 64 26.83 -9.79 5.07
C VAL C 64 25.80 -9.37 6.11
N THR C 65 25.88 -8.12 6.59
CA THR C 65 24.99 -7.61 7.65
C THR C 65 23.54 -7.63 7.25
N ASN C 66 23.25 -7.30 5.97
CA ASN C 66 21.88 -7.28 5.47
C ASN C 66 21.36 -8.66 5.08
N GLY C 67 22.28 -9.58 4.81
CA GLY C 67 21.94 -10.94 4.43
C GLY C 67 21.54 -10.99 2.98
N VAL C 68 22.37 -10.43 2.14
CA VAL C 68 22.15 -10.38 0.70
C VAL C 68 23.42 -10.86 -0.02
N ARG C 69 23.26 -11.51 -1.20
CA ARG C 69 24.37 -12.05 -2.01
C ARG C 69 24.81 -11.06 -3.16
N ALA C 70 23.96 -10.04 -3.47
CA ALA C 70 24.24 -9.04 -4.51
C ALA C 70 23.41 -7.76 -4.35
N ALA C 71 23.99 -6.62 -4.73
CA ALA C 71 23.34 -5.33 -4.59
C ALA C 71 23.57 -4.41 -5.79
N PRO C 72 22.53 -3.66 -6.25
CA PRO C 72 22.76 -2.73 -7.36
C PRO C 72 23.56 -1.48 -6.95
N LEU C 73 24.25 -0.88 -7.92
CA LEU C 73 25.06 0.30 -7.66
C LEU C 73 24.52 1.50 -8.39
N TRP C 74 24.50 2.65 -7.70
CA TRP C 74 23.98 3.93 -8.18
C TRP C 74 25.06 5.02 -8.24
N ASP C 75 25.40 5.47 -9.47
CA ASP C 75 26.34 6.56 -9.65
C ASP C 75 25.48 7.82 -9.60
N SER C 76 25.72 8.68 -8.60
CA SER C 76 24.96 9.91 -8.40
C SER C 76 25.24 10.91 -9.53
N LYS C 77 26.51 10.97 -9.99
CA LYS C 77 26.94 11.84 -11.10
C LYS C 77 26.32 11.38 -12.42
N LYS C 78 26.13 10.05 -12.58
CA LYS C 78 25.50 9.48 -13.78
C LYS C 78 23.96 9.45 -13.68
N GLN C 79 23.40 9.47 -12.44
CA GLN C 79 21.96 9.42 -12.11
C GLN C 79 21.26 8.17 -12.70
N SER C 80 21.95 7.00 -12.59
CA SER C 80 21.48 5.69 -13.07
C SER C 80 22.22 4.53 -12.38
N PHE C 81 21.64 3.33 -12.47
CA PHE C 81 22.24 2.10 -11.93
C PHE C 81 23.29 1.64 -12.93
N VAL C 82 24.55 1.64 -12.49
CA VAL C 82 25.69 1.31 -13.33
C VAL C 82 26.04 -0.18 -13.34
N GLY C 83 25.73 -0.86 -12.24
CA GLY C 83 26.05 -2.27 -12.13
C GLY C 83 25.57 -2.95 -10.87
N MET C 84 26.15 -4.13 -10.63
CA MET C 84 25.83 -4.98 -9.50
C MET C 84 27.08 -5.34 -8.75
N LEU C 85 27.01 -5.29 -7.43
CA LEU C 85 28.13 -5.71 -6.60
C LEU C 85 27.74 -7.06 -5.97
N THR C 86 28.47 -8.12 -6.36
CA THR C 86 28.33 -9.52 -5.95
C THR C 86 29.61 -10.05 -5.25
N ILE C 87 29.60 -11.33 -4.79
CA ILE C 87 30.74 -11.98 -4.12
C ILE C 87 31.94 -12.16 -5.05
N THR C 88 31.69 -12.24 -6.37
CA THR C 88 32.74 -12.39 -7.38
C THR C 88 33.69 -11.21 -7.31
N ASP C 89 33.15 -10.03 -6.97
CA ASP C 89 33.86 -8.78 -6.77
C ASP C 89 34.79 -8.90 -5.56
N PHE C 90 34.32 -9.55 -4.48
CA PHE C 90 35.11 -9.80 -3.29
C PHE C 90 36.24 -10.79 -3.63
N ILE C 91 35.89 -11.89 -4.34
CA ILE C 91 36.85 -12.91 -4.81
C ILE C 91 37.94 -12.23 -5.64
N ASN C 92 37.50 -11.42 -6.62
CA ASN C 92 38.36 -10.72 -7.55
C ASN C 92 39.35 -9.82 -6.84
N ILE C 93 38.87 -8.88 -5.99
CA ILE C 93 39.74 -7.99 -5.22
C ILE C 93 40.76 -8.85 -4.45
N LEU C 94 40.25 -9.74 -3.59
CA LEU C 94 41.02 -10.62 -2.74
C LEU C 94 42.18 -11.25 -3.47
N HIS C 95 41.91 -11.80 -4.67
CA HIS C 95 42.97 -12.43 -5.44
C HIS C 95 43.93 -11.45 -6.09
N ARG C 96 43.38 -10.46 -6.84
CA ARG C 96 44.13 -9.40 -7.52
C ARG C 96 45.06 -8.68 -6.54
N TYR C 97 44.60 -8.48 -5.29
CA TYR C 97 45.34 -7.69 -4.33
C TYR C 97 45.94 -8.37 -3.09
N TYR C 98 45.71 -9.67 -2.81
CA TYR C 98 46.34 -10.28 -1.62
C TYR C 98 47.86 -10.36 -1.77
N LYS C 99 48.58 -9.79 -0.79
CA LYS C 99 50.05 -9.79 -0.77
C LYS C 99 50.54 -10.91 0.19
N SER C 100 49.98 -10.98 1.40
CA SER C 100 50.22 -12.02 2.42
C SER C 100 49.33 -11.78 3.64
N ALA C 101 49.49 -12.65 4.65
CA ALA C 101 48.78 -12.57 5.90
C ALA C 101 49.43 -11.50 6.80
N LEU C 102 50.72 -11.17 6.52
CA LEU C 102 51.48 -10.16 7.26
C LEU C 102 51.18 -8.71 6.87
N VAL C 103 50.53 -8.49 5.71
CA VAL C 103 50.21 -7.14 5.25
C VAL C 103 48.73 -6.97 5.03
N GLN C 104 48.28 -5.72 5.13
CA GLN C 104 46.89 -5.38 4.87
C GLN C 104 46.64 -5.30 3.37
N ILE C 105 45.42 -5.69 2.92
CA ILE C 105 45.00 -5.54 1.53
C ILE C 105 44.56 -4.07 1.48
N TYR C 106 45.57 -3.15 1.64
CA TYR C 106 45.41 -1.69 1.72
C TYR C 106 44.41 -1.22 0.67
N GLU C 107 44.51 -1.77 -0.54
CA GLU C 107 43.61 -1.57 -1.66
C GLU C 107 42.17 -1.77 -1.18
N LEU C 108 41.72 -3.01 -0.86
CA LEU C 108 40.39 -3.34 -0.33
C LEU C 108 39.97 -2.43 0.84
N GLU C 109 40.87 -2.30 1.84
CA GLU C 109 40.68 -1.52 3.06
C GLU C 109 40.29 -0.09 2.81
N GLU C 110 40.90 0.54 1.78
CA GLU C 110 40.60 1.92 1.42
C GLU C 110 40.50 2.07 -0.11
N HIS C 111 39.33 1.77 -0.66
CA HIS C 111 39.03 1.87 -2.09
C HIS C 111 37.53 2.02 -2.14
N LYS C 112 37.02 2.82 -3.09
CA LYS C 112 35.59 3.00 -3.31
C LYS C 112 35.18 1.96 -4.35
N ILE C 113 33.86 1.74 -4.49
CA ILE C 113 33.30 0.78 -5.45
C ILE C 113 33.72 1.18 -6.89
N GLU C 114 33.58 2.47 -7.23
CA GLU C 114 33.94 3.00 -8.54
C GLU C 114 35.43 2.97 -8.79
N THR C 115 36.27 3.28 -7.75
CA THR C 115 37.76 3.27 -7.85
C THR C 115 38.21 1.89 -8.27
N TRP C 116 37.51 0.86 -7.74
CA TRP C 116 37.80 -0.52 -8.09
C TRP C 116 37.12 -0.92 -9.40
N ARG C 117 35.88 -0.49 -9.66
CA ARG C 117 35.19 -0.78 -10.92
C ARG C 117 35.98 -0.25 -12.12
N GLU C 118 36.72 0.87 -11.91
CA GLU C 118 37.61 1.52 -12.88
C GLU C 118 38.74 0.58 -13.26
N VAL C 119 39.29 -0.13 -12.26
CA VAL C 119 40.42 -1.08 -12.37
C VAL C 119 39.97 -2.41 -12.97
N TYR C 120 38.98 -3.04 -12.32
CA TYR C 120 38.35 -4.32 -12.65
C TYR C 120 37.88 -4.38 -14.09
N LEU C 121 37.27 -3.28 -14.58
CA LEU C 121 36.77 -3.14 -15.94
C LEU C 121 37.40 -1.88 -16.51
N GLN C 122 38.45 -2.02 -17.33
CA GLN C 122 39.16 -0.88 -17.92
C GLN C 122 38.77 -0.71 -19.40
N ASP C 123 39.66 -1.13 -20.36
CA ASP C 123 39.42 -1.10 -21.81
C ASP C 123 38.34 -2.14 -22.15
N SER C 124 38.10 -3.07 -21.18
CA SER C 124 37.07 -4.11 -21.16
C SER C 124 35.86 -3.48 -20.44
N PHE C 125 34.80 -3.14 -21.21
CA PHE C 125 33.57 -2.50 -20.70
C PHE C 125 32.35 -3.43 -20.71
N LYS C 126 31.60 -3.49 -19.58
CA LYS C 126 30.41 -4.34 -19.42
C LYS C 126 29.22 -3.61 -18.78
N PRO C 127 28.20 -3.19 -19.59
CA PRO C 127 27.04 -2.44 -19.03
C PRO C 127 26.14 -3.20 -18.04
N LEU C 128 25.10 -2.50 -17.48
CA LEU C 128 24.15 -3.08 -16.55
C LEU C 128 23.08 -3.88 -17.31
N VAL C 129 22.87 -5.15 -16.91
CA VAL C 129 21.86 -6.02 -17.49
C VAL C 129 20.66 -5.98 -16.56
N CYS C 130 19.44 -5.84 -17.12
CA CYS C 130 18.22 -5.80 -16.32
C CYS C 130 16.99 -6.27 -17.09
N ILE C 131 15.90 -6.51 -16.34
CA ILE C 131 14.61 -6.97 -16.85
C ILE C 131 13.46 -6.10 -16.29
N SER C 132 12.28 -6.18 -16.93
CA SER C 132 11.08 -5.47 -16.49
C SER C 132 10.14 -6.47 -15.80
N PRO C 133 9.37 -6.04 -14.78
CA PRO C 133 8.45 -6.98 -14.11
C PRO C 133 7.42 -7.59 -15.07
N ASN C 134 6.94 -6.80 -16.06
CA ASN C 134 5.97 -7.20 -17.09
C ASN C 134 6.61 -8.02 -18.19
N ALA C 135 7.95 -8.03 -18.25
CA ALA C 135 8.68 -8.82 -19.24
C ALA C 135 8.57 -10.29 -18.89
N SER C 136 8.66 -11.16 -19.91
CA SER C 136 8.54 -12.62 -19.81
C SER C 136 9.64 -13.28 -18.95
N LEU C 137 9.25 -14.38 -18.27
CA LEU C 137 10.10 -15.21 -17.42
C LEU C 137 11.16 -15.88 -18.30
N PHE C 138 10.75 -16.31 -19.52
CA PHE C 138 11.64 -16.91 -20.52
C PHE C 138 12.67 -15.86 -20.92
N ASP C 139 12.20 -14.64 -21.27
CA ASP C 139 13.03 -13.49 -21.65
C ASP C 139 14.13 -13.25 -20.59
N ALA C 140 13.76 -13.44 -19.31
CA ALA C 140 14.65 -13.29 -18.16
C ALA C 140 15.68 -14.43 -18.07
N VAL C 141 15.21 -15.71 -18.14
CA VAL C 141 16.04 -16.94 -18.08
C VAL C 141 17.11 -16.88 -19.21
N SER C 142 16.68 -16.44 -20.41
CA SER C 142 17.51 -16.26 -21.60
C SER C 142 18.59 -15.21 -21.34
N SER C 143 18.21 -14.05 -20.73
CA SER C 143 19.09 -12.92 -20.39
C SER C 143 20.26 -13.29 -19.46
N LEU C 144 20.05 -14.26 -18.56
CA LEU C 144 21.04 -14.77 -17.61
C LEU C 144 22.19 -15.51 -18.28
N ILE C 145 21.85 -16.39 -19.24
CA ILE C 145 22.80 -17.20 -20.00
C ILE C 145 23.44 -16.35 -21.11
N ARG C 146 22.61 -15.46 -21.71
CA ARG C 146 22.92 -14.48 -22.78
C ARG C 146 24.14 -13.61 -22.38
N ASN C 147 24.14 -13.10 -21.12
CA ASN C 147 25.18 -12.24 -20.57
C ASN C 147 26.07 -12.97 -19.56
N LYS C 148 25.78 -14.27 -19.30
CA LYS C 148 26.51 -15.16 -18.40
C LYS C 148 26.61 -14.58 -16.97
N ILE C 149 25.45 -14.52 -16.27
CA ILE C 149 25.27 -13.99 -14.91
C ILE C 149 24.28 -14.84 -14.07
N HIS C 150 24.30 -14.66 -12.71
CA HIS C 150 23.42 -15.40 -11.76
C HIS C 150 22.37 -14.52 -11.08
N ARG C 151 22.60 -13.19 -11.06
CA ARG C 151 21.73 -12.18 -10.44
C ARG C 151 21.20 -11.23 -11.52
N LEU C 152 19.88 -11.11 -11.60
CA LEU C 152 19.23 -10.23 -12.56
C LEU C 152 18.33 -9.18 -11.88
N PRO C 153 18.65 -7.87 -11.94
CA PRO C 153 17.77 -6.89 -11.30
C PRO C 153 16.54 -6.57 -12.13
N VAL C 154 15.39 -6.55 -11.48
CA VAL C 154 14.10 -6.27 -12.09
C VAL C 154 13.80 -4.79 -11.83
N ILE C 155 13.70 -4.02 -12.91
CA ILE C 155 13.45 -2.57 -12.89
C ILE C 155 12.12 -2.20 -13.62
N ASP C 156 11.23 -1.46 -12.92
CA ASP C 156 9.98 -0.96 -13.51
C ASP C 156 10.32 0.30 -14.31
N PRO C 157 9.95 0.36 -15.61
CA PRO C 157 10.33 1.51 -16.44
C PRO C 157 9.68 2.86 -16.12
N GLU C 158 8.49 2.89 -15.47
CA GLU C 158 7.89 4.20 -15.13
C GLU C 158 8.61 4.83 -13.94
N SER C 159 8.98 4.00 -12.96
CA SER C 159 9.66 4.42 -11.72
C SER C 159 11.17 4.49 -11.86
N GLY C 160 11.74 3.57 -12.64
CA GLY C 160 13.19 3.44 -12.82
C GLY C 160 13.78 2.77 -11.60
N ASN C 161 12.91 2.43 -10.64
CA ASN C 161 13.21 1.82 -9.35
C ASN C 161 13.52 0.35 -9.48
N THR C 162 14.62 -0.09 -8.85
CA THR C 162 14.95 -1.51 -8.84
C THR C 162 14.04 -2.13 -7.79
N LEU C 163 13.33 -3.19 -8.18
CA LEU C 163 12.36 -3.86 -7.31
C LEU C 163 12.89 -5.14 -6.72
N TYR C 164 13.41 -6.05 -7.56
CA TYR C 164 13.83 -7.35 -7.09
C TYR C 164 15.04 -7.88 -7.83
N ILE C 165 15.72 -8.86 -7.25
CA ILE C 165 16.84 -9.48 -7.92
C ILE C 165 16.50 -10.95 -8.15
N LEU C 166 16.22 -11.26 -9.43
CA LEU C 166 15.85 -12.56 -9.98
C LEU C 166 17.09 -13.46 -10.06
N THR C 167 17.00 -14.60 -9.37
CA THR C 167 18.04 -15.60 -9.26
C THR C 167 17.56 -16.95 -9.85
N HIS C 168 18.51 -17.77 -10.35
CA HIS C 168 18.24 -19.09 -10.91
C HIS C 168 17.43 -19.93 -9.91
N LYS C 169 17.90 -20.02 -8.63
CA LYS C 169 17.27 -20.75 -7.50
C LYS C 169 15.76 -20.47 -7.37
N ARG C 170 15.35 -19.19 -7.54
CA ARG C 170 13.95 -18.75 -7.46
C ARG C 170 13.13 -19.22 -8.68
N ILE C 171 13.68 -19.04 -9.91
CA ILE C 171 13.02 -19.43 -11.16
C ILE C 171 12.81 -20.94 -11.19
N LEU C 172 13.83 -21.68 -10.75
CA LEU C 172 13.78 -23.14 -10.71
C LEU C 172 12.78 -23.65 -9.70
N LYS C 173 12.73 -23.01 -8.51
CA LYS C 173 11.78 -23.38 -7.47
C LYS C 173 10.37 -23.13 -7.98
N PHE C 174 10.21 -22.13 -8.86
CA PHE C 174 8.92 -21.80 -9.49
C PHE C 174 8.53 -22.83 -10.54
N LEU C 175 9.46 -23.18 -11.45
CA LEU C 175 9.22 -24.19 -12.48
C LEU C 175 8.90 -25.54 -11.81
N LYS C 176 9.74 -25.96 -10.81
CA LYS C 176 9.56 -27.20 -10.04
C LYS C 176 8.24 -27.22 -9.24
N LEU C 177 7.76 -26.01 -8.79
CA LEU C 177 6.48 -25.86 -8.09
C LEU C 177 5.34 -26.22 -9.06
N PHE C 178 5.51 -25.86 -10.36
CA PHE C 178 4.53 -26.13 -11.41
C PHE C 178 4.72 -27.48 -12.10
N ILE C 179 5.85 -28.18 -11.86
CA ILE C 179 6.07 -29.49 -12.47
C ILE C 179 5.20 -30.49 -11.68
N THR C 180 4.06 -30.86 -12.32
CA THR C 180 2.99 -31.75 -11.82
C THR C 180 2.75 -32.92 -12.78
N SER C 191 16.99 -39.85 -17.91
CA SER C 191 18.29 -39.95 -17.22
C SER C 191 19.27 -38.82 -17.57
N LEU C 192 20.27 -38.59 -16.71
CA LEU C 192 21.27 -37.54 -16.90
C LEU C 192 22.28 -37.94 -17.97
N GLU C 193 22.54 -39.24 -18.08
CA GLU C 193 23.46 -39.81 -19.06
C GLU C 193 22.87 -39.79 -20.47
N GLU C 194 21.53 -39.98 -20.63
CA GLU C 194 20.89 -39.97 -21.96
C GLU C 194 20.82 -38.55 -22.54
N LEU C 195 20.29 -37.59 -21.76
CA LEU C 195 20.11 -36.18 -22.18
C LEU C 195 21.43 -35.43 -22.27
N GLN C 196 22.44 -35.86 -21.49
CA GLN C 196 23.78 -35.27 -21.43
C GLN C 196 23.70 -33.76 -21.10
N ILE C 197 23.44 -33.45 -19.81
CA ILE C 197 23.28 -32.08 -19.31
C ILE C 197 24.33 -31.74 -18.24
N GLY C 198 25.09 -30.68 -18.48
CA GLY C 198 26.11 -30.19 -17.56
C GLY C 198 27.51 -30.19 -18.14
N THR C 199 28.49 -29.73 -17.35
CA THR C 199 29.89 -29.70 -17.74
C THR C 199 30.59 -30.93 -17.14
N TYR C 200 31.22 -31.77 -17.98
CA TYR C 200 31.84 -33.02 -17.55
C TYR C 200 33.31 -33.14 -17.90
N ALA C 201 33.81 -32.25 -18.79
CA ALA C 201 35.21 -32.23 -19.21
C ALA C 201 35.95 -31.01 -18.66
N ASN C 202 37.21 -31.23 -18.24
CA ASN C 202 38.12 -30.22 -17.66
C ASN C 202 37.37 -29.37 -16.60
N ILE C 203 37.04 -30.07 -15.51
CA ILE C 203 36.31 -29.64 -14.33
C ILE C 203 37.29 -29.04 -13.33
N ALA C 204 37.03 -27.77 -12.91
CA ALA C 204 37.86 -27.06 -11.94
C ALA C 204 37.56 -27.46 -10.48
N MET C 205 38.54 -28.12 -9.82
CA MET C 205 38.46 -28.55 -8.41
C MET C 205 39.79 -28.40 -7.66
N VAL C 206 39.72 -28.42 -6.32
CA VAL C 206 40.83 -28.23 -5.37
C VAL C 206 41.05 -29.44 -4.48
N ARG C 207 42.21 -29.49 -3.80
CA ARG C 207 42.51 -30.54 -2.83
C ARG C 207 42.09 -30.04 -1.44
N THR C 208 42.24 -30.89 -0.41
CA THR C 208 41.90 -30.59 0.98
C THR C 208 42.82 -29.46 1.49
N THR C 209 44.12 -29.61 1.17
CA THR C 209 45.28 -28.78 1.48
C THR C 209 45.34 -27.43 0.78
N THR C 210 44.71 -27.32 -0.42
CA THR C 210 44.69 -26.13 -1.27
C THR C 210 44.40 -24.83 -0.50
N PRO C 211 45.26 -23.78 -0.53
CA PRO C 211 44.93 -22.54 0.18
C PRO C 211 43.81 -21.78 -0.51
N VAL C 212 43.09 -20.96 0.27
CA VAL C 212 41.97 -20.15 -0.21
C VAL C 212 42.42 -19.29 -1.38
N TYR C 213 43.60 -18.65 -1.27
CA TYR C 213 44.14 -17.78 -2.34
C TYR C 213 44.16 -18.48 -3.69
N VAL C 214 44.78 -19.68 -3.71
CA VAL C 214 44.91 -20.57 -4.86
C VAL C 214 43.53 -20.85 -5.44
N ALA C 215 42.61 -21.27 -4.58
CA ALA C 215 41.22 -21.57 -4.92
C ALA C 215 40.54 -20.35 -5.55
N LEU C 216 40.79 -19.15 -4.98
CA LEU C 216 40.22 -17.89 -5.47
C LEU C 216 40.76 -17.59 -6.83
N GLY C 217 42.05 -17.85 -7.04
CA GLY C 217 42.70 -17.70 -8.33
C GLY C 217 42.04 -18.53 -9.41
N ILE C 218 41.55 -19.74 -9.02
CA ILE C 218 40.82 -20.69 -9.88
C ILE C 218 39.46 -20.07 -10.25
N PHE C 219 38.70 -19.61 -9.24
CA PHE C 219 37.41 -18.96 -9.45
C PHE C 219 37.55 -17.80 -10.45
N VAL C 220 38.75 -17.16 -10.49
CA VAL C 220 39.05 -16.04 -11.38
C VAL C 220 39.37 -16.54 -12.80
N GLN C 221 40.36 -17.45 -12.96
CA GLN C 221 40.76 -17.96 -14.28
C GLN C 221 39.65 -18.81 -14.98
N HIS C 222 39.06 -19.77 -14.24
CA HIS C 222 38.02 -20.67 -14.74
C HIS C 222 36.65 -20.00 -14.84
N ARG C 223 36.30 -19.18 -13.81
CA ARG C 223 35.02 -18.48 -13.71
C ARG C 223 33.83 -19.46 -13.64
N VAL C 224 33.78 -20.20 -12.51
CA VAL C 224 32.76 -21.20 -12.16
C VAL C 224 32.34 -20.98 -10.69
N SER C 225 31.05 -21.21 -10.35
CA SER C 225 30.47 -20.97 -9.02
C SER C 225 31.15 -21.73 -7.84
N ALA C 226 31.40 -23.05 -7.93
CA ALA C 226 32.00 -23.78 -6.81
C ALA C 226 33.10 -24.76 -7.21
N LEU C 227 33.99 -25.06 -6.26
CA LEU C 227 35.11 -25.96 -6.47
C LEU C 227 35.07 -27.18 -5.52
N PRO C 228 34.87 -28.41 -6.05
CA PRO C 228 34.86 -29.59 -5.20
C PRO C 228 36.23 -29.85 -4.57
N VAL C 229 36.22 -30.27 -3.30
CA VAL C 229 37.40 -30.60 -2.50
C VAL C 229 37.65 -32.11 -2.65
N VAL C 230 38.83 -32.50 -3.18
CA VAL C 230 39.21 -33.91 -3.38
C VAL C 230 40.27 -34.36 -2.34
N ASP C 231 40.25 -35.67 -1.96
CA ASP C 231 41.15 -36.26 -0.95
C ASP C 231 42.55 -36.61 -1.51
N GLU C 232 43.22 -37.64 -0.93
CA GLU C 232 44.50 -38.19 -1.38
C GLU C 232 44.21 -38.90 -2.72
N LYS C 233 42.98 -39.46 -2.83
CA LYS C 233 42.38 -40.12 -3.99
C LYS C 233 41.35 -39.15 -4.64
N GLY C 234 41.11 -39.37 -5.94
CA GLY C 234 40.20 -38.58 -6.77
C GLY C 234 38.77 -38.42 -6.27
N ARG C 235 38.45 -39.12 -5.17
CA ARG C 235 37.16 -39.08 -4.48
C ARG C 235 36.92 -37.67 -3.90
N VAL C 236 35.66 -37.22 -3.87
CA VAL C 236 35.30 -35.87 -3.39
C VAL C 236 34.92 -35.90 -1.89
N VAL C 237 35.67 -35.15 -1.04
CA VAL C 237 35.39 -35.04 0.39
C VAL C 237 34.45 -33.89 0.73
N ASP C 238 34.61 -32.72 0.07
CA ASP C 238 33.79 -31.51 0.34
C ASP C 238 33.66 -30.60 -0.91
N ILE C 239 33.15 -29.37 -0.75
CA ILE C 239 32.98 -28.38 -1.82
C ILE C 239 33.05 -26.92 -1.29
N TYR C 240 34.03 -26.15 -1.82
CA TYR C 240 34.24 -24.74 -1.50
C TYR C 240 33.55 -23.92 -2.59
N SER C 241 32.50 -23.19 -2.21
CA SER C 241 31.65 -22.39 -3.09
C SER C 241 32.00 -20.90 -3.06
N LYS C 242 31.60 -20.16 -4.15
CA LYS C 242 31.76 -18.70 -4.27
C LYS C 242 31.16 -18.07 -3.03
N PHE C 243 30.18 -18.75 -2.46
CA PHE C 243 29.49 -18.39 -1.25
C PHE C 243 30.39 -18.49 -0.05
N ASP C 244 31.05 -19.62 0.16
CA ASP C 244 31.89 -19.82 1.33
C ASP C 244 32.98 -18.76 1.47
N VAL C 245 33.15 -17.95 0.42
CA VAL C 245 34.10 -16.84 0.38
C VAL C 245 33.56 -15.64 1.22
N ILE C 246 32.22 -15.51 1.43
CA ILE C 246 31.70 -14.42 2.28
C ILE C 246 32.05 -14.60 3.73
N ASN C 247 32.21 -15.85 4.18
CA ASN C 247 32.55 -16.04 5.59
C ASN C 247 33.85 -15.28 5.97
N LEU C 248 34.74 -15.05 4.99
CA LEU C 248 35.99 -14.30 5.17
C LEU C 248 35.66 -12.84 5.46
N ALA C 249 34.62 -12.31 4.79
CA ALA C 249 34.13 -10.95 5.00
C ALA C 249 33.47 -10.93 6.37
N ALA C 250 32.45 -11.80 6.55
CA ALA C 250 31.64 -12.00 7.74
C ALA C 250 32.46 -12.10 9.02
N GLU C 251 33.36 -13.08 9.09
CA GLU C 251 34.21 -13.31 10.25
C GLU C 251 35.45 -12.40 10.31
N LYS C 252 35.65 -11.54 9.26
CA LYS C 252 36.80 -10.63 9.09
C LYS C 252 38.13 -11.45 9.19
N THR C 253 38.23 -12.45 8.29
CA THR C 253 39.32 -13.42 8.20
C THR C 253 40.03 -13.41 6.81
N TYR C 254 39.61 -12.49 5.89
CA TYR C 254 40.16 -12.31 4.53
C TYR C 254 41.66 -11.98 4.52
N ASN C 255 42.19 -11.45 5.65
CA ASN C 255 43.58 -11.09 5.78
C ASN C 255 44.52 -12.28 5.74
N ASN C 256 43.95 -13.49 5.88
CA ASN C 256 44.68 -14.74 5.76
C ASN C 256 44.03 -15.66 4.74
N LEU C 257 44.67 -15.78 3.57
CA LEU C 257 44.22 -16.61 2.46
C LEU C 257 45.16 -17.80 2.19
N ASP C 258 46.23 -17.91 3.02
CA ASP C 258 47.21 -19.01 3.03
C ASP C 258 46.55 -20.30 3.56
N VAL C 259 45.49 -20.13 4.38
CA VAL C 259 44.71 -21.21 5.00
C VAL C 259 44.13 -22.11 3.97
N SER C 260 44.12 -23.40 4.29
CA SER C 260 43.58 -24.43 3.44
C SER C 260 42.08 -24.24 3.26
N VAL C 261 41.53 -24.85 2.20
CA VAL C 261 40.14 -24.81 1.81
C VAL C 261 39.30 -25.54 2.89
N THR C 262 39.84 -26.65 3.49
CA THR C 262 39.18 -27.40 4.58
C THR C 262 39.17 -26.54 5.86
N LYS C 263 40.33 -25.91 6.22
CA LYS C 263 40.50 -25.00 7.38
C LYS C 263 39.39 -23.95 7.30
N ALA C 264 39.19 -23.40 6.10
CA ALA C 264 38.19 -22.40 5.75
C ALA C 264 36.77 -22.92 5.97
N LEU C 265 36.47 -24.10 5.41
CA LEU C 265 35.14 -24.69 5.49
C LEU C 265 34.75 -25.20 6.88
N GLN C 266 35.70 -25.18 7.86
CA GLN C 266 35.46 -25.62 9.25
C GLN C 266 34.31 -24.86 9.98
N HIS C 267 33.96 -23.62 9.53
CA HIS C 267 32.90 -22.75 10.06
C HIS C 267 31.45 -23.35 9.98
N ARG C 268 31.29 -24.40 9.15
CA ARG C 268 30.05 -25.14 8.89
C ARG C 268 30.27 -26.66 8.95
N VAL C 275 27.61 -33.55 2.45
CA VAL C 275 27.91 -33.34 1.04
C VAL C 275 26.79 -33.91 0.17
N LEU C 276 26.54 -33.26 -0.99
CA LEU C 276 25.48 -33.64 -1.91
C LEU C 276 26.01 -34.02 -3.29
N LYS C 277 25.65 -35.26 -3.71
CA LYS C 277 26.07 -35.90 -4.95
C LYS C 277 24.91 -36.60 -5.68
N CYS C 278 25.03 -36.71 -7.02
CA CYS C 278 24.10 -37.36 -7.94
C CYS C 278 24.87 -38.29 -8.92
N TYR C 279 24.16 -39.25 -9.55
CA TYR C 279 24.75 -40.25 -10.45
C TYR C 279 24.18 -40.16 -11.87
N LEU C 280 24.94 -40.67 -12.87
CA LEU C 280 24.51 -40.65 -14.27
C LEU C 280 23.28 -41.54 -14.55
N HIS C 281 23.04 -42.56 -13.70
CA HIS C 281 21.92 -43.50 -13.79
C HIS C 281 20.63 -43.04 -13.03
N GLU C 282 20.41 -41.72 -12.99
CA GLU C 282 19.26 -41.09 -12.31
C GLU C 282 18.51 -40.17 -13.28
N THR C 283 17.15 -40.17 -13.23
CA THR C 283 16.29 -39.34 -14.10
C THR C 283 16.43 -37.84 -13.80
N LEU C 284 16.32 -37.00 -14.85
CA LEU C 284 16.41 -35.53 -14.79
C LEU C 284 15.33 -34.92 -13.90
N GLU C 285 14.09 -35.45 -13.95
CA GLU C 285 12.94 -35.02 -13.13
C GLU C 285 13.29 -35.18 -11.66
N ALA C 286 13.81 -36.38 -11.28
CA ALA C 286 14.26 -36.77 -9.95
C ALA C 286 15.56 -36.06 -9.53
N ILE C 287 16.39 -35.63 -10.51
CA ILE C 287 17.64 -34.92 -10.26
C ILE C 287 17.38 -33.42 -10.03
N ILE C 288 16.37 -32.85 -10.75
CA ILE C 288 15.92 -31.46 -10.63
C ILE C 288 15.24 -31.32 -9.26
N ASN C 289 14.45 -32.34 -8.89
CA ASN C 289 13.75 -32.50 -7.62
C ASN C 289 14.74 -32.46 -6.42
N ARG C 290 15.92 -33.11 -6.57
CA ARG C 290 16.99 -33.18 -5.57
C ARG C 290 17.60 -31.81 -5.27
N LEU C 291 17.88 -31.01 -6.34
CA LEU C 291 18.47 -29.67 -6.26
C LEU C 291 17.62 -28.66 -5.53
N VAL C 292 16.30 -28.68 -5.77
CA VAL C 292 15.37 -27.75 -5.13
C VAL C 292 15.02 -28.17 -3.70
N GLU C 293 14.94 -29.50 -3.42
CA GLU C 293 14.63 -30.02 -2.07
C GLU C 293 15.75 -29.72 -1.06
N ALA C 294 16.96 -29.55 -1.56
CA ALA C 294 18.10 -29.22 -0.74
C ALA C 294 18.53 -27.76 -0.95
N GLU C 295 17.89 -27.07 -1.93
CA GLU C 295 18.13 -25.66 -2.30
C GLU C 295 19.61 -25.36 -2.56
N VAL C 296 20.25 -26.19 -3.39
CA VAL C 296 21.67 -26.14 -3.77
C VAL C 296 21.82 -25.55 -5.19
N HIS C 297 22.89 -24.77 -5.43
CA HIS C 297 23.10 -24.10 -6.73
C HIS C 297 23.65 -25.00 -7.84
N ARG C 298 24.21 -26.17 -7.49
CA ARG C 298 24.75 -27.15 -8.44
C ARG C 298 25.01 -28.51 -7.78
N LEU C 299 24.72 -29.61 -8.50
CA LEU C 299 24.93 -30.98 -8.02
C LEU C 299 26.15 -31.64 -8.68
N VAL C 300 26.86 -32.49 -7.92
CA VAL C 300 28.07 -33.19 -8.36
C VAL C 300 27.72 -34.52 -9.00
N VAL C 301 28.22 -34.77 -10.23
CA VAL C 301 28.02 -36.06 -10.92
C VAL C 301 29.22 -36.92 -10.56
N VAL C 302 28.96 -37.98 -9.80
CA VAL C 302 30.00 -38.85 -9.27
C VAL C 302 29.79 -40.35 -9.61
N ASP C 303 30.88 -41.16 -9.56
CA ASP C 303 30.81 -42.61 -9.81
C ASP C 303 30.64 -43.38 -8.49
N GLU C 304 30.49 -44.73 -8.57
CA GLU C 304 30.30 -45.62 -7.41
C GLU C 304 31.31 -45.39 -6.27
N HIS C 305 32.62 -45.32 -6.62
CA HIS C 305 33.75 -45.09 -5.69
C HIS C 305 33.83 -43.61 -5.19
N ASP C 306 32.73 -42.83 -5.38
CA ASP C 306 32.55 -41.41 -5.02
C ASP C 306 33.63 -40.51 -5.61
N VAL C 307 34.05 -40.83 -6.85
CA VAL C 307 35.08 -40.12 -7.63
C VAL C 307 34.39 -39.28 -8.72
N VAL C 308 34.72 -37.98 -8.76
CA VAL C 308 34.17 -36.95 -9.66
C VAL C 308 34.11 -37.40 -11.15
N LYS C 309 32.98 -37.07 -11.81
CA LYS C 309 32.67 -37.35 -13.22
C LYS C 309 32.22 -36.07 -13.98
N GLY C 310 31.72 -35.08 -13.23
CA GLY C 310 31.26 -33.79 -13.77
C GLY C 310 30.35 -33.02 -12.82
N ILE C 311 29.68 -31.96 -13.32
CA ILE C 311 28.75 -31.13 -12.54
C ILE C 311 27.56 -30.65 -13.40
N VAL C 312 26.39 -30.59 -12.77
CA VAL C 312 25.18 -30.14 -13.41
C VAL C 312 24.59 -28.95 -12.62
N SER C 313 24.87 -27.74 -13.11
CA SER C 313 24.45 -26.47 -12.51
C SER C 313 22.97 -26.19 -12.74
N LEU C 314 22.43 -25.22 -11.97
CA LEU C 314 21.06 -24.71 -12.10
C LEU C 314 20.99 -23.98 -13.45
N SER C 315 22.14 -23.40 -13.88
CA SER C 315 22.38 -22.69 -15.12
C SER C 315 21.98 -23.56 -16.30
N ASP C 316 22.72 -24.69 -16.47
CA ASP C 316 22.56 -25.71 -17.53
C ASP C 316 21.13 -26.24 -17.63
N ILE C 317 20.50 -26.48 -16.46
CA ILE C 317 19.14 -26.99 -16.35
C ILE C 317 18.16 -26.04 -17.03
N LEU C 318 18.04 -24.78 -16.54
CA LEU C 318 17.13 -23.77 -17.13
C LEU C 318 17.42 -23.49 -18.64
N GLN C 319 18.68 -23.70 -19.10
CA GLN C 319 19.09 -23.52 -20.50
C GLN C 319 18.51 -24.63 -21.38
N ALA C 320 18.69 -25.89 -20.95
CA ALA C 320 18.18 -27.11 -21.60
C ALA C 320 16.65 -27.06 -21.70
N LEU C 321 16.04 -26.20 -20.86
CA LEU C 321 14.61 -25.94 -20.76
C LEU C 321 14.28 -24.50 -21.28
N VAL C 322 14.97 -24.11 -22.39
CA VAL C 322 14.87 -22.82 -23.09
C VAL C 322 15.18 -22.98 -24.61
#